data_4LUD
#
_entry.id   4LUD
#
_cell.length_a   48.300
_cell.length_b   73.400
_cell.length_c   180.290
_cell.angle_alpha   90.00
_cell.angle_beta   96.77
_cell.angle_gamma   90.00
#
_symmetry.space_group_name_H-M   'P 1 21 1'
#
loop_
_entity.id
_entity.type
_entity.pdbx_description
1 polymer 'Tyrosine-protein kinase HCK'
2 non-polymer 'CALCIUM ION'
3 non-polymer 6-(4-fluorophenyl)-5-(pyridin-4-yl)-2,3-dihydroimidazo[2,1-b][1,3]thiazole
4 non-polymer GLYCEROL
5 non-polymer 'CHLORIDE ION'
6 water water
#
_entity_poly.entity_id   1
_entity_poly.type   'polypeptide(L)'
_entity_poly.pdbx_seq_one_letter_code
;GAMGSGIRIIVVALYDYEAIHHEDLSFQKGDQMVVLEESGEWWKARSLATRKEGYIPSNYVARVDSLETEEWFFKGISRK
DAERQLLAPGNMLGSFMIRDSETTKGSYSLSVRDYDPRQGDTVKHYKIRTLDNGGFYISPRSTFSTLQELVDHYKKGNDG
LCQKLSVPCMSSKPQKPWEKDAWEIPRESLKLEKKLGAGQFGEVWMATYNKHTKVAVKTMKPGSMSVEAFLAEANVMKTL
QHDKLVKLHAVVTKEPIYIITEFMAKGSLLDFLKSDEGSKQPLPKLIDFSAQIAEGMAFIEQRNYIHRDLRAANILVSAS
LVCKIADFGLARVIEDNEYTAREGAKFPIKWTAPEAINFGSFTIKSDVWSFGILLMEIVTYGRIPYPGMSNPEVIRALER
GYRMPRPENCPEELYNIMMRCWKNRPEERPTFEYIQSVLDDFYTATESQ(PTR)EEIP
;
_entity_poly.pdbx_strand_id   A,B
#
# COMPACT_ATOMS: atom_id res chain seq x y z
N ARG A 8 31.21 -13.45 -33.31
CA ARG A 8 30.14 -13.78 -34.23
C ARG A 8 28.78 -13.75 -33.54
N ILE A 9 28.15 -12.58 -33.56
CA ILE A 9 26.81 -12.44 -32.98
C ILE A 9 25.75 -12.35 -34.08
N ILE A 10 24.66 -13.10 -33.92
CA ILE A 10 23.59 -13.10 -34.90
C ILE A 10 22.26 -12.78 -34.22
N VAL A 11 21.53 -11.82 -34.78
CA VAL A 11 20.23 -11.41 -34.24
C VAL A 11 19.14 -11.56 -35.28
N VAL A 12 17.89 -11.48 -34.86
CA VAL A 12 16.77 -11.58 -35.78
C VAL A 12 15.82 -10.39 -35.60
N ALA A 13 15.16 -9.99 -36.68
CA ALA A 13 14.26 -8.86 -36.64
C ALA A 13 12.90 -9.24 -36.07
N LEU A 14 12.43 -8.46 -35.09
CA LEU A 14 11.15 -8.72 -34.45
C LEU A 14 10.02 -8.02 -35.18
N TYR A 15 10.34 -6.91 -35.85
CA TYR A 15 9.36 -6.13 -36.58
C TYR A 15 9.91 -5.67 -37.93
N ASP A 16 9.03 -5.15 -38.78
CA ASP A 16 9.44 -4.58 -40.05
C ASP A 16 9.98 -3.18 -39.84
N TYR A 17 11.08 -2.86 -40.52
CA TYR A 17 11.66 -1.52 -40.42
C TYR A 17 12.12 -1.00 -41.78
N GLU A 18 11.61 0.17 -42.16
CA GLU A 18 12.02 0.83 -43.39
C GLU A 18 13.03 1.93 -43.07
N ALA A 19 14.21 1.86 -43.70
CA ALA A 19 15.25 2.85 -43.46
C ALA A 19 14.80 4.23 -43.92
N ILE A 20 15.18 5.25 -43.16
CA ILE A 20 14.81 6.63 -43.49
C ILE A 20 15.98 7.58 -43.25
N HIS A 21 17.17 7.03 -43.05
CA HIS A 21 18.37 7.85 -42.88
C HIS A 21 19.42 7.53 -43.94
N HIS A 22 20.60 8.12 -43.78
CA HIS A 22 21.68 7.96 -44.75
C HIS A 22 22.33 6.58 -44.73
N GLU A 23 22.49 6.00 -43.55
CA GLU A 23 23.24 4.76 -43.41
C GLU A 23 22.54 3.68 -42.61
N ASP A 24 21.22 3.78 -42.47
CA ASP A 24 20.46 2.77 -41.75
C ASP A 24 19.88 1.74 -42.73
N LEU A 25 19.59 0.55 -42.23
CA LEU A 25 19.15 -0.56 -43.10
C LEU A 25 17.65 -0.79 -43.05
N SER A 26 17.11 -1.32 -44.16
CA SER A 26 15.73 -1.77 -44.21
C SER A 26 15.66 -3.28 -44.08
N PHE A 27 14.91 -3.77 -43.10
CA PHE A 27 14.75 -5.20 -42.90
C PHE A 27 13.30 -5.57 -42.60
N GLN A 28 12.98 -6.85 -42.78
CA GLN A 28 11.63 -7.33 -42.52
C GLN A 28 11.61 -8.29 -41.32
N LYS A 29 10.41 -8.57 -40.83
CA LYS A 29 10.22 -9.46 -39.69
C LYS A 29 10.74 -10.87 -39.96
N GLY A 30 11.82 -11.24 -39.26
CA GLY A 30 12.38 -12.56 -39.38
C GLY A 30 13.76 -12.60 -40.00
N ASP A 31 14.19 -11.47 -40.55
CA ASP A 31 15.50 -11.37 -41.18
C ASP A 31 16.63 -11.47 -40.17
N GLN A 32 17.55 -12.40 -40.41
CA GLN A 32 18.73 -12.55 -39.55
C GLN A 32 19.83 -11.58 -39.98
N MET A 33 20.64 -11.15 -39.01
CA MET A 33 21.71 -10.19 -39.26
C MET A 33 22.91 -10.46 -38.36
N VAL A 34 24.07 -9.98 -38.77
CA VAL A 34 25.30 -10.15 -38.00
C VAL A 34 25.71 -8.84 -37.33
N VAL A 35 25.77 -8.85 -36.00
CA VAL A 35 26.16 -7.66 -35.25
C VAL A 35 27.65 -7.37 -35.41
N LEU A 36 27.97 -6.14 -35.80
CA LEU A 36 29.35 -5.73 -36.01
C LEU A 36 29.82 -4.78 -34.91
N GLU A 37 28.88 -4.00 -34.39
CA GLU A 37 29.19 -3.05 -33.32
C GLU A 37 27.93 -2.67 -32.55
N GLU A 38 28.03 -2.68 -31.22
CA GLU A 38 26.91 -2.32 -30.37
C GLU A 38 27.13 -0.94 -29.77
N SER A 39 26.38 0.05 -30.26
CA SER A 39 26.57 1.44 -29.87
C SER A 39 25.29 2.08 -29.34
N GLY A 40 24.65 1.43 -28.39
CA GLY A 40 23.46 1.98 -27.75
C GLY A 40 22.18 1.72 -28.52
N GLU A 41 21.45 2.79 -28.82
CA GLU A 41 20.19 2.68 -29.52
C GLU A 41 20.38 2.27 -30.98
N TRP A 42 21.57 2.51 -31.51
CA TRP A 42 21.89 2.13 -32.88
C TRP A 42 23.08 1.19 -32.94
N TRP A 43 22.90 0.05 -33.59
CA TRP A 43 23.98 -0.90 -33.80
C TRP A 43 24.38 -0.97 -35.27
N LYS A 44 25.67 -1.13 -35.53
CA LYS A 44 26.12 -1.38 -36.89
C LYS A 44 26.07 -2.88 -37.13
N ALA A 45 25.43 -3.29 -38.22
CA ALA A 45 25.26 -4.71 -38.51
C ALA A 45 25.24 -4.99 -40.01
N ARG A 46 25.27 -6.27 -40.35
CA ARG A 46 25.24 -6.71 -41.74
C ARG A 46 24.10 -7.70 -41.98
N SER A 47 23.15 -7.31 -42.82
CA SER A 47 22.02 -8.17 -43.16
C SER A 47 22.50 -9.44 -43.87
N LEU A 48 21.82 -10.55 -43.60
CA LEU A 48 22.15 -11.82 -44.24
C LEU A 48 21.30 -12.05 -45.48
N ALA A 49 20.33 -11.16 -45.70
CA ALA A 49 19.44 -11.26 -46.84
C ALA A 49 19.85 -10.29 -47.96
N THR A 50 20.38 -9.14 -47.57
CA THR A 50 20.78 -8.12 -48.53
C THR A 50 22.29 -7.92 -48.57
N ARG A 51 22.97 -8.46 -47.56
CA ARG A 51 24.43 -8.40 -47.45
C ARG A 51 24.96 -6.98 -47.29
N LYS A 52 24.05 -6.05 -46.97
CA LYS A 52 24.43 -4.66 -46.77
C LYS A 52 24.79 -4.34 -45.32
N GLU A 53 25.88 -3.60 -45.13
CA GLU A 53 26.31 -3.16 -43.82
C GLU A 53 25.78 -1.77 -43.52
N GLY A 54 25.08 -1.61 -42.40
CA GLY A 54 24.50 -0.33 -42.04
C GLY A 54 24.11 -0.24 -40.57
N TYR A 55 23.15 0.63 -40.27
CA TYR A 55 22.72 0.84 -38.90
C TYR A 55 21.28 0.37 -38.66
N ILE A 56 21.06 -0.25 -37.50
CA ILE A 56 19.73 -0.74 -37.13
C ILE A 56 19.40 -0.36 -35.68
N PRO A 57 18.11 -0.13 -35.41
CA PRO A 57 17.68 0.14 -34.03
C PRO A 57 17.75 -1.10 -33.16
N SER A 58 18.44 -1.00 -32.03
CA SER A 58 18.65 -2.12 -31.11
C SER A 58 17.33 -2.78 -30.69
N ASN A 59 16.36 -1.95 -30.32
CA ASN A 59 15.08 -2.43 -29.82
C ASN A 59 14.20 -3.11 -30.87
N TYR A 60 14.72 -3.24 -32.09
CA TYR A 60 13.97 -3.87 -33.18
C TYR A 60 14.45 -5.29 -33.43
N VAL A 61 15.50 -5.70 -32.74
CA VAL A 61 16.08 -7.03 -32.93
C VAL A 61 16.40 -7.72 -31.61
N ALA A 62 16.44 -9.04 -31.64
CA ALA A 62 16.85 -9.84 -30.49
C ALA A 62 17.71 -11.02 -30.94
N ARG A 63 18.43 -11.63 -30.00
CA ARG A 63 19.29 -12.76 -30.32
C ARG A 63 18.48 -14.01 -30.64
N LEU A 67 14.17 -16.03 -26.36
CA LEU A 67 12.81 -16.00 -25.82
C LEU A 67 12.02 -14.81 -26.37
N GLU A 68 12.68 -13.66 -26.46
CA GLU A 68 12.05 -12.44 -26.97
C GLU A 68 11.52 -12.64 -28.39
N THR A 69 12.16 -13.54 -29.14
CA THR A 69 11.77 -13.82 -30.52
C THR A 69 10.39 -14.47 -30.61
N GLU A 70 9.96 -15.09 -29.52
CA GLU A 70 8.66 -15.76 -29.47
C GLU A 70 7.53 -14.76 -29.53
N GLU A 71 6.46 -15.11 -30.25
CA GLU A 71 5.33 -14.21 -30.46
C GLU A 71 4.50 -14.00 -29.19
N TRP A 72 4.73 -14.83 -28.18
CA TRP A 72 3.92 -14.76 -26.97
C TRP A 72 4.71 -14.26 -25.76
N PHE A 73 5.96 -13.86 -25.98
CA PHE A 73 6.78 -13.35 -24.89
C PHE A 73 6.98 -11.83 -24.98
N PHE A 74 6.83 -11.16 -23.85
CA PHE A 74 7.01 -9.71 -23.77
C PHE A 74 7.97 -9.36 -22.64
N LYS A 75 9.12 -8.80 -23.01
CA LYS A 75 10.19 -8.52 -22.06
C LYS A 75 10.04 -7.20 -21.32
N GLY A 76 10.36 -7.20 -20.03
CA GLY A 76 10.46 -5.98 -19.26
C GLY A 76 9.16 -5.31 -18.87
N ILE A 77 8.04 -5.97 -19.14
CA ILE A 77 6.73 -5.38 -18.85
C ILE A 77 6.17 -5.82 -17.50
N SER A 78 5.50 -4.88 -16.83
CA SER A 78 4.91 -5.13 -15.52
C SER A 78 3.53 -5.77 -15.59
N ARG A 79 2.96 -6.08 -14.43
CA ARG A 79 1.62 -6.65 -14.34
C ARG A 79 0.58 -5.66 -14.86
N LYS A 80 0.70 -4.42 -14.42
CA LYS A 80 -0.20 -3.36 -14.85
C LYS A 80 -0.08 -3.10 -16.35
N ASP A 81 1.16 -3.09 -16.86
CA ASP A 81 1.41 -2.89 -18.28
C ASP A 81 0.79 -4.01 -19.11
N ALA A 82 0.95 -5.25 -18.65
CA ALA A 82 0.34 -6.40 -19.30
C ALA A 82 -1.18 -6.25 -19.32
N GLU A 83 -1.73 -5.85 -18.18
CA GLU A 83 -3.16 -5.61 -18.04
C GLU A 83 -3.65 -4.56 -19.04
N ARG A 84 -2.85 -3.52 -19.26
CA ARG A 84 -3.20 -2.45 -20.17
C ARG A 84 -3.15 -2.91 -21.63
N GLN A 85 -2.05 -3.56 -22.00
CA GLN A 85 -1.84 -4.02 -23.36
C GLN A 85 -2.83 -5.12 -23.78
N LEU A 86 -3.27 -5.92 -22.82
CA LEU A 86 -4.20 -7.00 -23.10
C LEU A 86 -5.64 -6.49 -23.24
N LEU A 87 -5.97 -5.43 -22.52
CA LEU A 87 -7.31 -4.85 -22.58
C LEU A 87 -7.43 -3.84 -23.72
N ALA A 88 -6.34 -3.66 -24.45
CA ALA A 88 -6.32 -2.73 -25.58
C ALA A 88 -7.08 -3.31 -26.76
N PRO A 89 -7.64 -2.44 -27.63
CA PRO A 89 -8.35 -2.89 -28.83
C PRO A 89 -7.48 -3.78 -29.73
N GLY A 90 -8.09 -4.82 -30.28
CA GLY A 90 -7.38 -5.75 -31.15
C GLY A 90 -7.14 -7.09 -30.47
N ASN A 91 -7.72 -7.24 -29.28
CA ASN A 91 -7.58 -8.48 -28.52
C ASN A 91 -8.95 -9.07 -28.20
N MET A 92 -8.96 -10.33 -27.79
CA MET A 92 -10.21 -11.02 -27.50
C MET A 92 -10.09 -11.87 -26.24
N LEU A 93 -11.12 -12.66 -25.96
CA LEU A 93 -11.08 -13.61 -24.86
C LEU A 93 -9.98 -14.65 -25.11
N GLY A 94 -9.25 -15.01 -24.06
CA GLY A 94 -8.18 -15.97 -24.19
C GLY A 94 -6.84 -15.35 -24.56
N SER A 95 -6.86 -14.09 -25.01
CA SER A 95 -5.63 -13.38 -25.34
C SER A 95 -4.67 -13.40 -24.16
N PHE A 96 -3.42 -13.77 -24.41
CA PHE A 96 -2.48 -14.05 -23.35
C PHE A 96 -1.07 -13.58 -23.68
N MET A 97 -0.19 -13.64 -22.69
CA MET A 97 1.23 -13.35 -22.88
C MET A 97 2.07 -13.92 -21.74
N ILE A 98 3.34 -14.19 -22.03
CA ILE A 98 4.29 -14.60 -20.99
C ILE A 98 5.34 -13.49 -20.83
N ARG A 99 5.60 -13.10 -19.60
CA ARG A 99 6.43 -11.93 -19.33
C ARG A 99 7.38 -12.15 -18.16
N ASP A 100 8.35 -11.24 -18.02
CA ASP A 100 9.26 -11.26 -16.88
C ASP A 100 8.52 -10.89 -15.60
N SER A 101 8.62 -11.75 -14.59
CA SER A 101 8.00 -11.49 -13.30
C SER A 101 8.51 -10.19 -12.68
N GLU A 102 7.60 -9.43 -12.08
CA GLU A 102 7.92 -8.10 -11.56
C GLU A 102 8.33 -8.17 -10.09
N THR A 103 7.95 -9.26 -9.42
CA THR A 103 8.25 -9.42 -8.01
C THR A 103 9.21 -10.59 -7.77
N THR A 104 9.23 -11.53 -8.72
CA THR A 104 10.16 -12.65 -8.65
C THR A 104 11.23 -12.51 -9.72
N LYS A 105 12.32 -11.83 -9.38
CA LYS A 105 13.39 -11.55 -10.32
C LYS A 105 14.03 -12.83 -10.87
N GLY A 106 13.96 -12.99 -12.18
CA GLY A 106 14.53 -14.16 -12.83
C GLY A 106 13.48 -15.18 -13.23
N SER A 107 12.24 -14.93 -12.81
CA SER A 107 11.13 -15.83 -13.10
C SER A 107 10.15 -15.23 -14.09
N TYR A 108 9.16 -16.01 -14.49
CA TYR A 108 8.19 -15.58 -15.48
C TYR A 108 6.75 -15.65 -14.97
N SER A 109 5.87 -14.89 -15.60
CA SER A 109 4.45 -14.92 -15.27
C SER A 109 3.59 -14.94 -16.54
N LEU A 110 2.38 -15.48 -16.42
CA LEU A 110 1.45 -15.56 -17.54
C LEU A 110 0.25 -14.66 -17.30
N SER A 111 -0.03 -13.76 -18.24
CA SER A 111 -1.19 -12.88 -18.13
C SER A 111 -2.21 -13.22 -19.20
N VAL A 112 -3.44 -13.53 -18.78
CA VAL A 112 -4.47 -13.99 -19.71
C VAL A 112 -5.72 -13.11 -19.60
N ARG A 113 -6.31 -12.78 -20.74
CA ARG A 113 -7.53 -11.99 -20.75
C ARG A 113 -8.76 -12.85 -20.49
N ASP A 114 -9.59 -12.43 -19.54
CA ASP A 114 -10.76 -13.19 -19.15
C ASP A 114 -12.00 -12.28 -19.15
N TYR A 115 -13.19 -12.89 -19.05
CA TYR A 115 -14.42 -12.14 -18.92
C TYR A 115 -15.31 -12.74 -17.86
N ASP A 116 -16.08 -11.89 -17.19
CA ASP A 116 -17.02 -12.32 -16.17
C ASP A 116 -18.03 -11.20 -15.91
N PRO A 117 -19.32 -11.54 -15.86
CA PRO A 117 -20.35 -10.50 -15.70
C PRO A 117 -20.21 -9.83 -14.33
N ARG A 118 -20.70 -8.59 -14.21
CA ARG A 118 -20.59 -7.76 -13.02
C ARG A 118 -19.18 -7.18 -12.84
N GLN A 119 -18.20 -7.70 -13.57
CA GLN A 119 -16.84 -7.18 -13.48
C GLN A 119 -16.36 -6.65 -14.83
N GLY A 120 -16.85 -7.23 -15.92
CA GLY A 120 -16.47 -6.81 -17.25
C GLY A 120 -15.30 -7.57 -17.83
N ASP A 121 -14.54 -6.91 -18.71
CA ASP A 121 -13.31 -7.48 -19.25
C ASP A 121 -12.19 -7.36 -18.23
N THR A 122 -11.47 -8.45 -18.01
CA THR A 122 -10.40 -8.45 -17.01
C THR A 122 -9.15 -9.16 -17.50
N VAL A 123 -8.11 -9.13 -16.69
CA VAL A 123 -6.87 -9.86 -16.98
C VAL A 123 -6.37 -10.55 -15.72
N LYS A 124 -6.27 -11.88 -15.76
CA LYS A 124 -5.77 -12.65 -14.64
C LYS A 124 -4.28 -12.93 -14.81
N HIS A 125 -3.58 -13.07 -13.69
CA HIS A 125 -2.13 -13.28 -13.70
C HIS A 125 -1.73 -14.50 -12.89
N TYR A 126 -0.89 -15.35 -13.49
CA TYR A 126 -0.44 -16.58 -12.87
C TYR A 126 1.08 -16.62 -12.76
N LYS A 127 1.61 -16.87 -11.58
CA LYS A 127 3.04 -17.03 -11.41
C LYS A 127 3.51 -18.33 -12.06
N ILE A 128 4.66 -18.28 -12.73
CA ILE A 128 5.22 -19.47 -13.34
C ILE A 128 6.51 -19.85 -12.63
N ARG A 129 6.50 -21.01 -11.99
CA ARG A 129 7.64 -21.43 -11.17
C ARG A 129 8.66 -22.22 -11.98
N THR A 130 9.91 -21.76 -11.94
CA THR A 130 11.01 -22.47 -12.56
C THR A 130 11.51 -23.57 -11.64
N LEU A 131 11.75 -24.75 -12.20
CA LEU A 131 12.17 -25.89 -11.39
C LEU A 131 13.64 -25.78 -10.99
N ASP A 132 14.00 -26.49 -9.92
CA ASP A 132 15.36 -26.47 -9.40
C ASP A 132 16.28 -27.42 -10.16
N GLY A 135 12.65 -26.99 -15.46
CA GLY A 135 11.35 -26.92 -16.10
C GLY A 135 10.46 -25.85 -15.51
N PHE A 136 9.26 -25.72 -16.06
CA PHE A 136 8.30 -24.72 -15.59
C PHE A 136 6.94 -25.34 -15.31
N TYR A 137 6.18 -24.70 -14.43
CA TYR A 137 4.80 -25.12 -14.17
C TYR A 137 3.99 -24.01 -13.50
N ILE A 138 2.69 -24.02 -13.74
CA ILE A 138 1.76 -23.14 -13.02
C ILE A 138 1.10 -23.97 -11.93
N SER A 139 0.69 -25.17 -12.29
CA SER A 139 0.16 -26.13 -11.34
C SER A 139 1.17 -27.27 -11.14
N PRO A 140 1.44 -27.62 -9.87
CA PRO A 140 2.41 -28.66 -9.51
C PRO A 140 2.16 -30.00 -10.21
N ARG A 141 0.90 -30.28 -10.53
CA ARG A 141 0.55 -31.52 -11.21
C ARG A 141 1.04 -31.53 -12.65
N SER A 142 0.76 -30.44 -13.37
CA SER A 142 1.14 -30.33 -14.78
C SER A 142 2.42 -29.52 -14.96
N THR A 143 3.52 -30.21 -15.21
CA THR A 143 4.81 -29.55 -15.39
C THR A 143 5.30 -29.66 -16.83
N PHE A 144 6.19 -28.74 -17.23
CA PHE A 144 6.71 -28.71 -18.59
C PHE A 144 8.20 -28.42 -18.60
N SER A 145 8.88 -28.85 -19.66
CA SER A 145 10.32 -28.64 -19.78
C SER A 145 10.62 -27.28 -20.40
N THR A 146 9.76 -26.82 -21.29
CA THR A 146 9.89 -25.52 -21.91
C THR A 146 8.59 -24.73 -21.82
N LEU A 147 8.69 -23.40 -21.88
CA LEU A 147 7.52 -22.53 -21.85
C LEU A 147 6.60 -22.76 -23.05
N GLN A 148 7.19 -23.23 -24.15
CA GLN A 148 6.41 -23.48 -25.36
C GLN A 148 5.49 -24.69 -25.16
N GLU A 149 5.93 -25.62 -24.32
CA GLU A 149 5.10 -26.77 -23.96
C GLU A 149 3.95 -26.32 -23.07
N LEU A 150 4.24 -25.40 -22.15
CA LEU A 150 3.23 -24.80 -21.29
C LEU A 150 2.13 -24.13 -22.12
N VAL A 151 2.52 -23.19 -22.98
CA VAL A 151 1.55 -22.47 -23.79
C VAL A 151 0.80 -23.43 -24.73
N ASP A 152 1.52 -24.35 -25.35
CA ASP A 152 0.87 -25.33 -26.23
C ASP A 152 -0.15 -26.17 -25.47
N HIS A 153 0.14 -26.43 -24.20
CA HIS A 153 -0.76 -27.22 -23.36
C HIS A 153 -2.02 -26.44 -23.00
N TYR A 154 -1.85 -25.26 -22.42
CA TYR A 154 -2.98 -24.46 -21.98
C TYR A 154 -3.76 -23.83 -23.14
N LYS A 155 -3.30 -24.04 -24.37
CA LYS A 155 -4.06 -23.63 -25.55
C LYS A 155 -5.09 -24.68 -25.91
N LYS A 156 -4.95 -25.86 -25.33
CA LYS A 156 -5.85 -26.98 -25.60
C LYS A 156 -7.08 -26.97 -24.69
N GLY A 157 -6.91 -26.41 -23.51
CA GLY A 157 -7.98 -26.35 -22.53
C GLY A 157 -7.54 -25.65 -21.25
N ASN A 158 -8.47 -24.94 -20.62
CA ASN A 158 -8.24 -24.25 -19.35
C ASN A 158 -7.30 -24.98 -18.39
N ASP A 159 -7.68 -26.19 -18.00
CA ASP A 159 -6.93 -26.99 -17.05
C ASP A 159 -6.58 -26.19 -15.79
N GLY A 160 -7.58 -25.51 -15.23
CA GLY A 160 -7.39 -24.71 -14.04
C GLY A 160 -7.35 -23.21 -14.28
N LEU A 161 -6.99 -22.81 -15.49
CA LEU A 161 -6.94 -21.39 -15.83
C LEU A 161 -8.33 -20.77 -15.87
N CYS A 162 -8.38 -19.45 -15.73
CA CYS A 162 -9.62 -18.70 -15.83
C CYS A 162 -10.23 -18.82 -17.22
N GLN A 163 -9.36 -19.05 -18.20
CA GLN A 163 -9.78 -19.09 -19.60
C GLN A 163 -8.80 -19.89 -20.46
N LYS A 164 -9.32 -20.48 -21.53
CA LYS A 164 -8.49 -21.22 -22.46
C LYS A 164 -7.63 -20.27 -23.29
N LEU A 165 -6.35 -20.61 -23.45
CA LEU A 165 -5.43 -19.78 -24.20
C LEU A 165 -5.82 -19.76 -25.68
N SER A 166 -5.66 -18.61 -26.31
CA SER A 166 -6.01 -18.45 -27.71
C SER A 166 -4.85 -17.86 -28.51
N VAL A 167 -4.91 -16.56 -28.76
CA VAL A 167 -3.88 -15.88 -29.54
C VAL A 167 -3.05 -14.95 -28.66
N PRO A 168 -1.72 -14.90 -28.91
CA PRO A 168 -0.84 -13.99 -28.19
C PRO A 168 -1.32 -12.54 -28.26
N CYS A 169 -0.94 -11.72 -27.29
CA CYS A 169 -1.32 -10.32 -27.28
C CYS A 169 -0.76 -9.57 -28.49
N MET A 170 -1.56 -8.66 -29.03
CA MET A 170 -1.16 -7.89 -30.21
C MET A 170 0.09 -7.07 -29.94
N SER A 171 1.14 -7.36 -30.70
CA SER A 171 2.41 -6.67 -30.58
C SER A 171 2.36 -5.30 -31.23
N SER A 172 3.00 -4.32 -30.60
CA SER A 172 3.05 -2.97 -31.12
C SER A 172 4.47 -2.56 -31.48
N LYS A 173 4.65 -2.06 -32.71
CA LYS A 173 5.96 -1.59 -33.16
C LYS A 173 6.49 -0.50 -32.23
N PRO A 174 7.70 -0.71 -31.70
CA PRO A 174 8.30 0.21 -30.73
C PRO A 174 8.67 1.55 -31.35
N GLN A 175 9.05 2.50 -30.51
CA GLN A 175 9.39 3.85 -30.98
C GLN A 175 10.72 3.86 -31.72
N LYS A 176 10.71 4.42 -32.93
CA LYS A 176 11.94 4.59 -33.69
C LYS A 176 12.87 5.56 -32.97
N PRO A 177 14.06 5.09 -32.60
CA PRO A 177 15.02 5.91 -31.85
C PRO A 177 15.49 7.12 -32.65
N TRP A 178 16.00 8.14 -31.95
CA TRP A 178 16.49 9.33 -32.61
C TRP A 178 17.83 9.00 -33.26
N GLU A 179 18.10 9.57 -34.42
CA GLU A 179 19.34 9.29 -35.14
C GLU A 179 20.58 9.63 -34.30
N LYS A 180 21.63 8.84 -34.49
CA LYS A 180 22.84 8.92 -33.68
C LYS A 180 23.55 10.27 -33.79
N ASP A 181 24.15 10.71 -32.68
CA ASP A 181 24.90 11.96 -32.60
C ASP A 181 24.11 13.18 -33.08
N ALA A 182 22.80 13.18 -32.86
CA ALA A 182 21.96 14.29 -33.29
C ALA A 182 21.28 14.99 -32.12
N TRP A 183 22.03 15.22 -31.05
CA TRP A 183 21.50 15.96 -29.90
C TRP A 183 21.33 17.44 -30.25
N GLU A 184 22.39 18.03 -30.79
CA GLU A 184 22.31 19.39 -31.30
C GLU A 184 22.12 19.37 -32.81
N ILE A 185 20.97 19.87 -33.26
CA ILE A 185 20.62 19.83 -34.67
C ILE A 185 20.56 21.23 -35.26
N PRO A 186 20.82 21.35 -36.58
CA PRO A 186 20.66 22.64 -37.25
C PRO A 186 19.18 22.98 -37.43
N ARG A 187 18.85 24.26 -37.37
CA ARG A 187 17.47 24.71 -37.44
C ARG A 187 16.84 24.37 -38.80
N GLU A 188 17.67 24.28 -39.83
CA GLU A 188 17.21 23.98 -41.19
C GLU A 188 16.60 22.58 -41.29
N SER A 189 16.96 21.70 -40.36
CA SER A 189 16.44 20.34 -40.34
C SER A 189 14.97 20.31 -39.97
N LEU A 190 14.48 21.40 -39.38
CA LEU A 190 13.10 21.47 -38.91
C LEU A 190 12.21 22.32 -39.80
N LYS A 191 10.99 21.84 -40.03
CA LYS A 191 9.95 22.65 -40.67
C LYS A 191 8.76 22.75 -39.73
N LEU A 192 8.67 23.85 -38.99
CA LEU A 192 7.56 24.06 -38.07
C LEU A 192 6.29 24.29 -38.87
N GLU A 193 5.37 23.33 -38.82
CA GLU A 193 4.22 23.35 -39.72
C GLU A 193 2.98 23.98 -39.10
N LYS A 194 2.58 23.51 -37.92
CA LYS A 194 1.34 24.04 -37.33
C LYS A 194 1.47 24.44 -35.87
N LYS A 195 1.19 25.70 -35.56
CA LYS A 195 1.29 26.17 -34.18
C LYS A 195 0.20 25.57 -33.31
N LEU A 196 0.60 24.88 -32.25
CA LEU A 196 -0.32 24.16 -31.39
C LEU A 196 -0.67 24.97 -30.13
N GLY A 197 0.18 25.92 -29.79
CA GLY A 197 -0.03 26.74 -28.61
C GLY A 197 0.99 27.86 -28.47
N ALA A 198 0.59 28.94 -27.82
CA ALA A 198 1.46 30.09 -27.62
C ALA A 198 1.39 30.59 -26.18
N GLY A 199 2.48 31.19 -25.71
CA GLY A 199 2.54 31.70 -24.36
C GLY A 199 3.52 32.84 -24.19
N GLN A 200 3.64 33.33 -22.96
CA GLN A 200 4.50 34.47 -22.65
C GLN A 200 5.98 34.17 -22.86
N PHE A 201 6.37 32.92 -22.62
CA PHE A 201 7.78 32.53 -22.70
C PHE A 201 8.16 31.96 -24.07
N GLY A 202 7.15 31.68 -24.89
CA GLY A 202 7.39 31.16 -26.22
C GLY A 202 6.17 30.46 -26.78
N GLU A 203 6.37 29.64 -27.81
CA GLU A 203 5.24 28.95 -28.45
C GLU A 203 5.51 27.47 -28.70
N VAL A 204 4.47 26.73 -29.06
CA VAL A 204 4.60 25.29 -29.29
C VAL A 204 4.07 24.89 -30.68
N TRP A 205 4.90 24.20 -31.44
CA TRP A 205 4.59 23.84 -32.82
C TRP A 205 4.65 22.33 -33.09
N MET A 206 3.77 21.88 -33.98
CA MET A 206 3.89 20.58 -34.61
C MET A 206 4.78 20.76 -35.84
N ALA A 207 5.84 19.96 -35.91
CA ALA A 207 6.87 20.13 -36.92
C ALA A 207 7.35 18.80 -37.50
N THR A 208 8.18 18.89 -38.53
CA THR A 208 8.76 17.72 -39.16
C THR A 208 10.29 17.82 -39.18
N TYR A 209 10.95 16.72 -38.82
CA TYR A 209 12.41 16.66 -38.81
C TYR A 209 12.92 15.85 -40.00
N ASN A 210 13.71 16.52 -40.83
CA ASN A 210 14.31 15.95 -42.04
C ASN A 210 13.33 15.17 -42.90
N LYS A 211 12.11 15.68 -43.01
CA LYS A 211 11.09 15.15 -43.90
C LYS A 211 10.68 13.71 -43.56
N HIS A 212 11.15 13.18 -42.44
CA HIS A 212 10.81 11.81 -42.08
C HIS A 212 10.20 11.67 -40.68
N THR A 213 10.63 12.48 -39.72
CA THR A 213 10.18 12.26 -38.34
C THR A 213 9.33 13.40 -37.77
N LYS A 214 8.04 13.14 -37.58
CA LYS A 214 7.14 14.13 -36.98
C LYS A 214 7.48 14.36 -35.52
N VAL A 215 7.75 15.62 -35.16
CA VAL A 215 8.10 15.95 -33.78
C VAL A 215 7.37 17.21 -33.30
N ALA A 216 7.57 17.54 -32.04
CA ALA A 216 7.01 18.75 -31.45
C ALA A 216 8.13 19.68 -31.00
N VAL A 217 8.06 20.93 -31.43
CA VAL A 217 9.10 21.89 -31.11
C VAL A 217 8.59 23.02 -30.22
N LYS A 218 9.30 23.28 -29.14
CA LYS A 218 8.98 24.42 -28.29
C LYS A 218 9.97 25.54 -28.52
N THR A 219 9.49 26.66 -29.06
CA THR A 219 10.33 27.80 -29.33
C THR A 219 10.33 28.72 -28.11
N MET A 220 11.54 28.99 -27.61
CA MET A 220 11.71 29.79 -26.39
C MET A 220 12.14 31.22 -26.71
N LYS A 221 11.33 32.17 -26.28
CA LYS A 221 11.66 33.59 -26.42
C LYS A 221 12.90 33.93 -25.61
N PRO A 222 13.85 34.64 -26.23
CA PRO A 222 15.11 35.07 -25.60
C PRO A 222 14.88 35.88 -24.32
N SER A 226 20.06 32.52 -19.25
CA SER A 226 21.30 32.33 -19.98
C SER A 226 21.21 31.13 -20.93
N VAL A 227 22.02 31.14 -21.96
CA VAL A 227 22.01 30.10 -22.99
C VAL A 227 22.58 28.79 -22.46
N GLU A 228 23.86 28.83 -22.09
CA GLU A 228 24.56 27.65 -21.63
C GLU A 228 23.90 27.01 -20.42
N ALA A 229 23.52 27.82 -19.44
CA ALA A 229 22.86 27.31 -18.24
C ALA A 229 21.57 26.54 -18.56
N PHE A 230 20.75 27.10 -19.44
CA PHE A 230 19.52 26.44 -19.86
C PHE A 230 19.86 25.15 -20.60
N LEU A 231 20.91 25.22 -21.41
CA LEU A 231 21.38 24.08 -22.20
C LEU A 231 21.75 22.94 -21.25
N ALA A 232 22.42 23.29 -20.16
CA ALA A 232 22.82 22.35 -19.13
C ALA A 232 21.59 21.75 -18.44
N GLU A 233 20.59 22.59 -18.17
CA GLU A 233 19.35 22.08 -17.57
C GLU A 233 18.71 21.06 -18.51
N ALA A 234 18.81 21.32 -19.81
CA ALA A 234 18.27 20.41 -20.80
C ALA A 234 19.08 19.12 -20.82
N ASN A 235 20.39 19.23 -20.57
CA ASN A 235 21.24 18.06 -20.48
C ASN A 235 20.93 17.25 -19.24
N VAL A 236 20.35 17.90 -18.23
CA VAL A 236 19.86 17.20 -17.06
C VAL A 236 18.59 16.45 -17.43
N MET A 237 17.66 17.15 -18.08
CA MET A 237 16.39 16.54 -18.49
C MET A 237 16.57 15.35 -19.41
N LYS A 238 17.57 15.41 -20.29
CA LYS A 238 17.79 14.38 -21.30
C LYS A 238 18.10 13.01 -20.68
N THR A 239 18.67 13.00 -19.48
CA THR A 239 19.04 11.76 -18.81
C THR A 239 17.87 11.19 -18.01
N LEU A 240 16.82 12.00 -17.86
CA LEU A 240 15.63 11.57 -17.13
C LEU A 240 14.62 10.90 -18.07
N GLN A 241 15.01 9.75 -18.61
CA GLN A 241 14.17 9.04 -19.57
C GLN A 241 13.26 8.01 -18.89
N HIS A 242 11.97 8.10 -19.19
CA HIS A 242 10.97 7.20 -18.62
C HIS A 242 9.75 7.16 -19.53
N ASP A 243 9.06 6.03 -19.56
CA ASP A 243 7.93 5.83 -20.46
C ASP A 243 6.76 6.78 -20.16
N LYS A 244 6.78 7.38 -18.97
CA LYS A 244 5.73 8.30 -18.57
C LYS A 244 6.24 9.73 -18.53
N LEU A 245 7.43 9.92 -19.09
CA LEU A 245 8.01 11.24 -19.28
C LEU A 245 8.21 11.48 -20.77
N VAL A 246 7.93 12.70 -21.23
CA VAL A 246 8.05 13.01 -22.65
C VAL A 246 9.51 12.87 -23.12
N LYS A 247 9.69 12.19 -24.24
CA LYS A 247 11.03 11.93 -24.76
C LYS A 247 11.65 13.19 -25.35
N LEU A 248 12.78 13.61 -24.78
CA LEU A 248 13.48 14.79 -25.28
C LEU A 248 14.51 14.37 -26.32
N HIS A 249 14.22 14.68 -27.58
CA HIS A 249 15.02 14.20 -28.70
C HIS A 249 16.24 15.07 -28.98
N ALA A 250 16.00 16.30 -29.41
CA ALA A 250 17.09 17.18 -29.85
C ALA A 250 16.88 18.61 -29.37
N VAL A 251 17.86 19.46 -29.64
CA VAL A 251 17.78 20.88 -29.27
C VAL A 251 18.52 21.75 -30.29
N VAL A 252 17.97 22.94 -30.55
CA VAL A 252 18.65 23.93 -31.37
C VAL A 252 19.27 24.96 -30.41
N THR A 253 20.52 25.35 -30.69
CA THR A 253 21.30 26.09 -29.70
C THR A 253 21.24 27.60 -29.94
N LYS A 254 21.34 28.01 -31.20
CA LYS A 254 21.23 29.42 -31.55
C LYS A 254 19.85 29.97 -31.19
N GLU A 255 19.81 31.21 -30.71
CA GLU A 255 18.56 31.84 -30.31
C GLU A 255 17.70 32.18 -31.53
N PRO A 256 16.37 32.00 -31.41
CA PRO A 256 15.68 31.45 -30.23
C PRO A 256 15.86 29.94 -30.10
N ILE A 257 15.96 29.45 -28.87
CA ILE A 257 16.20 28.03 -28.60
C ILE A 257 14.98 27.18 -28.96
N TYR A 258 15.21 26.10 -29.69
CA TYR A 258 14.15 25.16 -30.04
C TYR A 258 14.31 23.85 -29.27
N ILE A 259 13.25 23.42 -28.61
CA ILE A 259 13.27 22.15 -27.88
C ILE A 259 12.47 21.09 -28.63
N ILE A 260 13.16 20.05 -29.10
CA ILE A 260 12.53 19.03 -29.91
C ILE A 260 12.20 17.79 -29.10
N THR A 261 10.92 17.43 -29.05
CA THR A 261 10.46 16.26 -28.32
C THR A 261 9.53 15.42 -29.18
N GLU A 262 9.15 14.25 -28.68
CA GLU A 262 8.22 13.37 -29.39
C GLU A 262 6.86 14.03 -29.51
N PHE A 263 6.14 13.70 -30.58
CA PHE A 263 4.82 14.29 -30.81
C PHE A 263 3.71 13.46 -30.20
N MET A 264 2.88 14.12 -29.38
CA MET A 264 1.71 13.47 -28.78
C MET A 264 0.44 13.94 -29.51
N ALA A 265 -0.23 13.00 -30.16
CA ALA A 265 -1.36 13.30 -31.04
C ALA A 265 -2.51 14.02 -30.34
N LYS A 266 -2.89 13.55 -29.16
CA LYS A 266 -4.07 14.09 -28.48
C LYS A 266 -3.75 15.28 -27.58
N GLY A 267 -2.51 15.75 -27.65
CA GLY A 267 -2.12 16.97 -26.95
C GLY A 267 -2.16 16.86 -25.44
N SER A 268 -2.53 17.96 -24.79
CA SER A 268 -2.56 18.03 -23.34
C SER A 268 -3.74 17.26 -22.75
N LEU A 269 -3.58 16.82 -21.50
CA LEU A 269 -4.63 16.07 -20.81
C LEU A 269 -5.85 16.96 -20.57
N LEU A 270 -5.60 18.25 -20.35
CA LEU A 270 -6.68 19.22 -20.15
C LEU A 270 -7.57 19.31 -21.39
N ASP A 271 -6.95 19.58 -22.54
CA ASP A 271 -7.67 19.72 -23.79
C ASP A 271 -8.38 18.43 -24.17
N PHE A 272 -7.74 17.30 -23.89
CA PHE A 272 -8.34 16.01 -24.21
C PHE A 272 -9.54 15.71 -23.34
N LEU A 273 -9.44 16.04 -22.06
CA LEU A 273 -10.54 15.84 -21.12
C LEU A 273 -11.71 16.75 -21.45
N LYS A 274 -11.41 17.97 -21.89
CA LYS A 274 -12.46 18.90 -22.30
C LYS A 274 -12.98 18.60 -23.70
N SER A 275 -12.23 17.79 -24.44
CA SER A 275 -12.63 17.38 -25.79
C SER A 275 -13.83 16.44 -25.74
N ASP A 276 -14.34 16.08 -26.92
CA ASP A 276 -15.50 15.22 -27.04
C ASP A 276 -15.17 13.79 -26.65
N GLU A 277 -14.04 13.29 -27.15
CA GLU A 277 -13.60 11.93 -26.85
C GLU A 277 -13.31 11.74 -25.37
N GLY A 278 -12.75 12.78 -24.75
CA GLY A 278 -12.44 12.75 -23.34
C GLY A 278 -13.67 12.58 -22.46
N SER A 279 -14.75 13.25 -22.82
CA SER A 279 -16.00 13.18 -22.07
C SER A 279 -16.64 11.80 -22.13
N LYS A 280 -16.15 10.95 -23.03
CA LYS A 280 -16.68 9.60 -23.19
C LYS A 280 -15.87 8.58 -22.40
N GLN A 281 -14.73 9.03 -21.87
CA GLN A 281 -13.86 8.15 -21.10
C GLN A 281 -14.45 7.84 -19.73
N PRO A 282 -14.61 6.54 -19.43
CA PRO A 282 -15.16 6.11 -18.14
C PRO A 282 -14.23 6.39 -16.97
N LEU A 283 -14.71 6.12 -15.76
CA LEU A 283 -13.96 6.39 -14.53
C LEU A 283 -12.68 5.54 -14.38
N PRO A 284 -12.75 4.21 -14.65
CA PRO A 284 -11.52 3.43 -14.55
C PRO A 284 -10.41 3.92 -15.49
N LYS A 285 -10.79 4.50 -16.63
CA LYS A 285 -9.82 5.02 -17.58
C LYS A 285 -9.14 6.27 -17.01
N LEU A 286 -9.91 7.09 -16.33
CA LEU A 286 -9.38 8.28 -15.66
C LEU A 286 -8.41 7.86 -14.56
N ILE A 287 -8.80 6.83 -13.82
CA ILE A 287 -7.96 6.28 -12.76
C ILE A 287 -6.65 5.75 -13.36
N ASP A 288 -6.75 5.15 -14.54
CA ASP A 288 -5.57 4.67 -15.25
C ASP A 288 -4.66 5.81 -15.64
N PHE A 289 -5.24 6.88 -16.18
CA PHE A 289 -4.49 8.08 -16.55
C PHE A 289 -3.70 8.61 -15.37
N SER A 290 -4.40 8.79 -14.25
CA SER A 290 -3.80 9.36 -13.06
C SER A 290 -2.80 8.39 -12.44
N ALA A 291 -2.93 7.11 -12.78
CA ALA A 291 -1.99 6.09 -12.30
C ALA A 291 -0.70 6.18 -13.10
N GLN A 292 -0.81 6.46 -14.39
CA GLN A 292 0.36 6.67 -15.24
C GLN A 292 1.10 7.93 -14.81
N ILE A 293 0.33 8.99 -14.55
CA ILE A 293 0.90 10.24 -14.06
C ILE A 293 1.60 10.02 -12.73
N ALA A 294 0.95 9.25 -11.85
CA ALA A 294 1.53 8.91 -10.55
C ALA A 294 2.82 8.13 -10.71
N GLU A 295 2.86 7.23 -11.69
CA GLU A 295 4.07 6.45 -11.96
C GLU A 295 5.22 7.36 -12.40
N GLY A 296 4.91 8.29 -13.29
CA GLY A 296 5.91 9.24 -13.76
C GLY A 296 6.45 10.10 -12.64
N MET A 297 5.54 10.63 -11.83
CA MET A 297 5.92 11.45 -10.68
C MET A 297 6.69 10.63 -9.65
N ALA A 298 6.48 9.31 -9.65
CA ALA A 298 7.21 8.42 -8.77
C ALA A 298 8.63 8.23 -9.30
N PHE A 299 8.77 8.21 -10.62
CA PHE A 299 10.09 8.16 -11.23
C PHE A 299 10.86 9.43 -10.93
N ILE A 300 10.17 10.56 -11.02
CA ILE A 300 10.77 11.85 -10.64
C ILE A 300 11.17 11.84 -9.16
N GLU A 301 10.33 11.21 -8.34
CA GLU A 301 10.56 11.16 -6.89
C GLU A 301 11.79 10.34 -6.52
N GLN A 302 11.95 9.18 -7.18
CA GLN A 302 13.07 8.29 -6.88
C GLN A 302 14.40 8.93 -7.29
N ARG A 303 14.37 9.76 -8.33
CA ARG A 303 15.56 10.45 -8.80
C ARG A 303 15.83 11.72 -8.01
N ASN A 304 14.94 12.01 -7.06
CA ASN A 304 15.01 13.21 -6.23
C ASN A 304 15.00 14.48 -7.06
N TYR A 305 13.89 14.72 -7.76
CA TYR A 305 13.71 15.96 -8.50
C TYR A 305 12.34 16.58 -8.19
N ILE A 306 12.02 17.68 -8.85
CA ILE A 306 10.78 18.41 -8.60
C ILE A 306 10.15 18.87 -9.91
N HIS A 307 8.83 18.80 -10.00
CA HIS A 307 8.12 19.23 -11.18
C HIS A 307 7.81 20.73 -11.13
N ARG A 308 7.34 21.18 -9.96
CA ARG A 308 7.07 22.59 -9.66
C ARG A 308 5.77 23.11 -10.30
N ASP A 309 5.33 22.47 -11.37
CA ASP A 309 4.13 22.92 -12.07
C ASP A 309 3.30 21.74 -12.59
N LEU A 310 2.71 20.99 -11.67
CA LEU A 310 1.94 19.80 -12.04
C LEU A 310 0.47 20.14 -12.27
N ARG A 311 0.04 20.05 -13.52
CA ARG A 311 -1.36 20.28 -13.90
C ARG A 311 -1.72 19.39 -15.09
N ALA A 312 -3.01 19.30 -15.38
CA ALA A 312 -3.48 18.55 -16.54
C ALA A 312 -2.99 19.20 -17.83
N ALA A 313 -2.71 20.50 -17.76
CA ALA A 313 -2.19 21.25 -18.90
C ALA A 313 -0.76 20.85 -19.23
N ASN A 314 -0.02 20.40 -18.23
CA ASN A 314 1.37 20.01 -18.43
C ASN A 314 1.53 18.50 -18.55
N ILE A 315 0.42 17.80 -18.76
CA ILE A 315 0.44 16.38 -19.05
C ILE A 315 -0.02 16.13 -20.48
N LEU A 316 0.77 15.37 -21.23
CA LEU A 316 0.46 15.10 -22.63
C LEU A 316 -0.17 13.72 -22.80
N VAL A 317 -0.90 13.54 -23.90
CA VAL A 317 -1.58 12.29 -24.17
C VAL A 317 -1.24 11.80 -25.58
N SER A 318 -0.73 10.58 -25.66
CA SER A 318 -0.38 9.98 -26.95
C SER A 318 -1.64 9.53 -27.69
N ALA A 319 -1.46 9.08 -28.93
CA ALA A 319 -2.56 8.63 -29.76
C ALA A 319 -3.27 7.42 -29.15
N SER A 320 -2.50 6.56 -28.49
CA SER A 320 -3.04 5.34 -27.89
C SER A 320 -3.41 5.55 -26.42
N LEU A 321 -3.76 6.77 -26.08
CA LEU A 321 -4.22 7.13 -24.74
C LEU A 321 -3.17 6.86 -23.67
N VAL A 322 -1.93 7.26 -23.93
CA VAL A 322 -0.86 7.15 -22.95
C VAL A 322 -0.48 8.52 -22.40
N CYS A 323 -0.50 8.65 -21.08
CA CYS A 323 -0.25 9.94 -20.44
C CYS A 323 1.20 10.10 -20.01
N LYS A 324 1.85 11.16 -20.46
CA LYS A 324 3.25 11.43 -20.11
C LYS A 324 3.45 12.81 -19.51
N ILE A 325 4.38 12.91 -18.57
CA ILE A 325 4.72 14.18 -17.94
C ILE A 325 5.66 14.99 -18.83
N ALA A 326 5.29 16.24 -19.12
CA ALA A 326 6.10 17.06 -20.01
C ALA A 326 6.72 18.30 -19.37
N ASP A 327 7.88 18.68 -19.91
CA ASP A 327 8.54 19.96 -19.63
C ASP A 327 8.71 20.33 -18.15
N PHE A 328 9.11 19.37 -17.32
CA PHE A 328 9.40 19.70 -15.92
C PHE A 328 10.85 20.15 -15.83
N GLY A 329 11.12 21.13 -14.98
CA GLY A 329 12.46 21.68 -14.84
C GLY A 329 12.62 22.97 -15.62
N LEU A 330 11.82 23.13 -16.68
CA LEU A 330 11.79 24.38 -17.44
C LEU A 330 11.33 25.52 -16.52
N ALA A 331 10.37 25.20 -15.65
CA ALA A 331 9.88 26.12 -14.63
C ALA A 331 11.03 26.75 -13.85
N ARG A 332 12.09 25.97 -13.63
CA ARG A 332 13.27 26.44 -12.88
C ARG A 332 13.99 27.54 -13.66
N VAL A 333 13.83 27.54 -14.98
CA VAL A 333 14.49 28.51 -15.84
C VAL A 333 13.64 29.76 -16.03
N ILE A 334 12.55 29.85 -15.29
CA ILE A 334 11.69 31.02 -15.32
C ILE A 334 12.15 32.05 -14.29
N PRO A 348 -0.77 29.70 -11.34
CA PRO A 348 -0.95 28.27 -11.09
C PRO A 348 -1.09 27.96 -9.60
N ILE A 349 -1.60 28.93 -8.85
CA ILE A 349 -1.68 28.79 -7.39
C ILE A 349 -2.73 27.78 -6.94
N LYS A 350 -3.73 27.53 -7.79
CA LYS A 350 -4.77 26.55 -7.48
C LYS A 350 -4.18 25.15 -7.41
N TRP A 351 -3.08 24.95 -8.13
CA TRP A 351 -2.35 23.68 -8.10
C TRP A 351 -1.19 23.73 -7.12
N THR A 352 -1.01 24.87 -6.45
CA THR A 352 0.14 25.07 -5.60
C THR A 352 -0.22 24.89 -4.12
N ALA A 353 0.69 24.28 -3.38
CA ALA A 353 0.49 23.99 -1.96
C ALA A 353 0.76 25.23 -1.11
N PRO A 354 0.07 25.35 0.05
CA PRO A 354 0.25 26.46 0.98
C PRO A 354 1.70 26.68 1.39
N GLU A 355 2.44 25.59 1.59
CA GLU A 355 3.85 25.68 1.96
C GLU A 355 4.71 26.25 0.84
N ALA A 356 4.17 26.24 -0.38
CA ALA A 356 4.90 26.75 -1.54
C ALA A 356 4.45 28.15 -1.91
N ILE A 357 3.20 28.48 -1.60
CA ILE A 357 2.67 29.82 -1.84
C ILE A 357 3.20 30.83 -0.83
N ASN A 358 2.98 30.56 0.45
CA ASN A 358 3.29 31.50 1.51
C ASN A 358 4.78 31.65 1.85
N PHE A 359 5.59 30.68 1.45
CA PHE A 359 7.00 30.68 1.83
C PHE A 359 7.93 30.36 0.67
N GLY A 360 7.35 30.07 -0.49
CA GLY A 360 8.13 29.74 -1.67
C GLY A 360 8.92 28.46 -1.52
N SER A 361 8.46 27.58 -0.64
CA SER A 361 9.11 26.30 -0.40
C SER A 361 8.51 25.22 -1.30
N PHE A 362 9.21 24.90 -2.38
CA PHE A 362 8.72 23.90 -3.33
C PHE A 362 9.43 22.57 -3.14
N THR A 363 8.66 21.54 -2.79
CA THR A 363 9.20 20.19 -2.62
C THR A 363 8.31 19.18 -3.33
N ILE A 364 8.69 17.90 -3.23
CA ILE A 364 7.92 16.82 -3.85
C ILE A 364 6.53 16.69 -3.25
N LYS A 365 6.37 17.17 -2.01
CA LYS A 365 5.08 17.09 -1.32
C LYS A 365 4.12 18.12 -1.87
N SER A 366 4.66 19.25 -2.33
CA SER A 366 3.87 20.26 -3.00
C SER A 366 3.41 19.70 -4.33
N ASP A 367 4.27 18.87 -4.93
CA ASP A 367 3.91 18.14 -6.14
C ASP A 367 2.83 17.11 -5.84
N VAL A 368 2.80 16.60 -4.61
CA VAL A 368 1.74 15.69 -4.19
C VAL A 368 0.41 16.43 -4.08
N TRP A 369 0.44 17.62 -3.47
CA TRP A 369 -0.74 18.49 -3.41
C TRP A 369 -1.25 18.77 -4.81
N SER A 370 -0.32 19.20 -5.67
CA SER A 370 -0.60 19.46 -7.07
C SER A 370 -1.22 18.24 -7.76
N PHE A 371 -0.75 17.06 -7.38
CA PHE A 371 -1.28 15.82 -7.93
C PHE A 371 -2.70 15.57 -7.44
N GLY A 372 -3.02 16.03 -6.23
CA GLY A 372 -4.38 15.93 -5.72
C GLY A 372 -5.29 16.81 -6.55
N ILE A 373 -4.86 18.04 -6.79
CA ILE A 373 -5.63 18.97 -7.61
C ILE A 373 -5.82 18.41 -9.02
N LEU A 374 -4.76 17.80 -9.55
CA LEU A 374 -4.79 17.15 -10.85
C LEU A 374 -5.81 16.02 -10.87
N LEU A 375 -5.83 15.22 -9.81
CA LEU A 375 -6.80 14.16 -9.63
C LEU A 375 -8.21 14.72 -9.76
N MET A 376 -8.43 15.85 -9.08
CA MET A 376 -9.72 16.53 -9.15
C MET A 376 -10.04 16.97 -10.58
N GLU A 377 -9.04 17.50 -11.28
CA GLU A 377 -9.22 17.88 -12.68
C GLU A 377 -9.67 16.71 -13.55
N ILE A 378 -9.00 15.58 -13.36
CA ILE A 378 -9.23 14.39 -14.18
C ILE A 378 -10.62 13.83 -13.93
N VAL A 379 -11.04 13.79 -12.67
CA VAL A 379 -12.36 13.27 -12.35
C VAL A 379 -13.46 14.23 -12.86
N THR A 380 -13.15 15.53 -12.86
CA THR A 380 -14.11 16.53 -13.31
C THR A 380 -13.91 16.90 -14.78
N TYR A 381 -13.16 16.06 -15.50
CA TYR A 381 -12.96 16.18 -16.94
C TYR A 381 -12.38 17.53 -17.38
N GLY A 382 -11.47 18.08 -16.58
CA GLY A 382 -10.73 19.26 -16.98
C GLY A 382 -11.29 20.54 -16.41
N ARG A 383 -12.32 20.43 -15.60
CA ARG A 383 -12.96 21.57 -14.96
C ARG A 383 -11.97 22.36 -14.09
N ILE A 384 -12.18 23.67 -14.02
CA ILE A 384 -11.37 24.57 -13.21
C ILE A 384 -11.48 24.09 -11.76
N PRO A 385 -10.39 24.15 -10.99
CA PRO A 385 -10.35 23.59 -9.62
C PRO A 385 -11.38 24.17 -8.63
N TYR A 386 -11.28 25.46 -8.32
CA TYR A 386 -12.19 26.10 -7.36
C TYR A 386 -13.16 27.03 -8.07
N PRO A 387 -14.10 26.48 -8.85
CA PRO A 387 -14.96 27.31 -9.70
C PRO A 387 -15.71 28.41 -8.95
N GLY A 388 -15.70 29.61 -9.52
CA GLY A 388 -16.39 30.75 -8.93
C GLY A 388 -15.52 31.47 -7.91
N MET A 389 -14.43 30.84 -7.51
CA MET A 389 -13.52 31.43 -6.54
C MET A 389 -12.30 32.04 -7.23
N SER A 390 -11.90 33.23 -6.77
CA SER A 390 -10.71 33.89 -7.30
C SER A 390 -9.50 33.33 -6.55
N ASN A 391 -8.30 33.69 -7.00
CA ASN A 391 -7.08 33.19 -6.35
C ASN A 391 -7.12 33.51 -4.85
N PRO A 392 -7.27 34.81 -4.47
CA PRO A 392 -7.53 34.99 -3.04
C PRO A 392 -9.02 34.88 -2.73
N GLU A 393 -9.42 34.29 -1.62
CA GLU A 393 -8.53 33.56 -0.71
C GLU A 393 -8.07 32.23 -1.30
N LEU A 398 -8.41 28.46 2.28
CA LEU A 398 -7.63 27.31 2.72
C LEU A 398 -7.38 27.33 4.22
N GLU A 399 -7.14 28.52 4.76
CA GLU A 399 -6.88 28.68 6.19
C GLU A 399 -8.05 28.23 7.07
N ARG A 400 -9.27 28.34 6.57
CA ARG A 400 -10.42 27.85 7.33
C ARG A 400 -10.57 26.34 7.20
N GLY A 401 -9.61 25.71 6.52
CA GLY A 401 -9.65 24.27 6.33
C GLY A 401 -10.61 23.80 5.27
N TYR A 402 -10.87 24.65 4.29
CA TYR A 402 -11.78 24.32 3.21
C TYR A 402 -11.11 23.42 2.18
N ARG A 403 -11.82 22.36 1.78
CA ARG A 403 -11.34 21.47 0.73
C ARG A 403 -12.45 21.33 -0.31
N MET A 404 -12.09 21.04 -1.56
CA MET A 404 -13.10 20.82 -2.58
C MET A 404 -14.00 19.65 -2.20
N PRO A 405 -15.31 19.82 -2.38
CA PRO A 405 -16.25 18.73 -2.12
C PRO A 405 -16.09 17.60 -3.15
N ARG A 406 -16.47 16.38 -2.76
CA ARG A 406 -16.40 15.24 -3.66
C ARG A 406 -17.46 15.33 -4.74
N PRO A 407 -17.05 15.27 -6.02
CA PRO A 407 -18.00 15.23 -7.13
C PRO A 407 -18.91 14.00 -7.04
N GLU A 408 -20.04 14.04 -7.74
CA GLU A 408 -21.01 12.95 -7.70
C GLU A 408 -20.44 11.65 -8.25
N ASN A 409 -19.71 11.74 -9.36
CA ASN A 409 -19.17 10.56 -10.02
C ASN A 409 -17.90 10.04 -9.36
N CYS A 410 -17.31 10.84 -8.47
CA CYS A 410 -16.05 10.47 -7.83
C CYS A 410 -16.24 9.48 -6.68
N PRO A 411 -15.47 8.39 -6.68
CA PRO A 411 -15.47 7.41 -5.59
C PRO A 411 -15.00 8.02 -4.28
N GLU A 412 -15.57 7.55 -3.17
CA GLU A 412 -15.22 8.05 -1.84
C GLU A 412 -13.74 7.88 -1.52
N GLU A 413 -13.19 6.73 -1.89
CA GLU A 413 -11.81 6.39 -1.57
C GLU A 413 -10.82 7.19 -2.42
N LEU A 414 -11.23 7.51 -3.64
CA LEU A 414 -10.44 8.34 -4.53
C LEU A 414 -10.35 9.75 -3.95
N TYR A 415 -11.50 10.23 -3.48
CA TYR A 415 -11.58 11.49 -2.78
C TYR A 415 -10.71 11.45 -1.52
N ASN A 416 -10.67 10.28 -0.88
CA ASN A 416 -9.80 10.08 0.27
C ASN A 416 -8.34 10.27 -0.10
N ILE A 417 -7.97 9.77 -1.29
CA ILE A 417 -6.61 9.95 -1.79
C ILE A 417 -6.34 11.43 -2.04
N MET A 418 -7.30 12.12 -2.63
CA MET A 418 -7.22 13.56 -2.83
C MET A 418 -6.97 14.30 -1.51
N MET A 419 -7.78 13.98 -0.51
CA MET A 419 -7.67 14.59 0.81
C MET A 419 -6.32 14.30 1.46
N ARG A 420 -5.82 13.08 1.27
CA ARG A 420 -4.50 12.72 1.77
C ARG A 420 -3.42 13.55 1.08
N CYS A 421 -3.68 13.90 -0.17
CA CYS A 421 -2.73 14.70 -0.94
C CYS A 421 -2.80 16.15 -0.46
N TRP A 422 -3.98 16.59 -0.05
CA TRP A 422 -4.18 17.94 0.47
C TRP A 422 -4.09 17.95 1.99
N LYS A 423 -2.88 17.95 2.51
CA LYS A 423 -2.67 17.97 3.95
C LYS A 423 -1.84 19.21 4.29
N ASN A 424 -2.15 19.86 5.41
CA ASN A 424 -1.48 21.10 5.77
C ASN A 424 0.01 20.89 5.97
N ARG A 425 0.35 19.82 6.69
CA ARG A 425 1.75 19.45 6.92
C ARG A 425 2.25 18.63 5.74
N PRO A 426 3.27 19.15 5.03
CA PRO A 426 3.83 18.48 3.84
C PRO A 426 4.37 17.08 4.15
N GLU A 427 4.88 16.89 5.36
CA GLU A 427 5.52 15.63 5.74
C GLU A 427 4.49 14.53 6.00
N GLU A 428 3.22 14.91 6.09
CA GLU A 428 2.16 13.94 6.33
C GLU A 428 1.39 13.64 5.04
N ARG A 429 2.02 13.91 3.91
CA ARG A 429 1.44 13.57 2.60
C ARG A 429 2.07 12.30 2.05
N PRO A 430 1.26 11.46 1.38
CA PRO A 430 1.72 10.17 0.86
C PRO A 430 2.81 10.33 -0.21
N THR A 431 3.64 9.29 -0.36
CA THR A 431 4.65 9.28 -1.41
C THR A 431 4.00 8.97 -2.75
N PHE A 432 4.69 9.33 -3.83
CA PHE A 432 4.18 9.06 -5.18
C PHE A 432 4.24 7.56 -5.47
N GLU A 433 5.17 6.88 -4.81
CA GLU A 433 5.26 5.43 -4.91
C GLU A 433 3.98 4.78 -4.38
N TYR A 434 3.56 5.22 -3.21
CA TYR A 434 2.37 4.67 -2.57
C TYR A 434 1.11 5.03 -3.36
N ILE A 435 1.01 6.28 -3.78
CA ILE A 435 -0.12 6.73 -4.58
C ILE A 435 -0.23 5.93 -5.87
N GLN A 436 0.90 5.73 -6.54
CA GLN A 436 0.93 4.92 -7.76
C GLN A 436 0.49 3.48 -7.47
N SER A 437 0.97 2.92 -6.36
CA SER A 437 0.63 1.55 -5.99
C SER A 437 -0.86 1.40 -5.71
N VAL A 438 -1.46 2.43 -5.13
CA VAL A 438 -2.88 2.41 -4.81
C VAL A 438 -3.74 2.58 -6.06
N LEU A 439 -3.34 3.52 -6.92
CA LEU A 439 -4.11 3.80 -8.13
C LEU A 439 -4.03 2.66 -9.14
N ASP A 440 -2.87 2.02 -9.21
CA ASP A 440 -2.68 0.88 -10.12
C ASP A 440 -3.61 -0.28 -9.78
N ASP A 441 -3.66 -0.62 -8.49
CA ASP A 441 -4.50 -1.73 -8.03
C ASP A 441 -5.77 -1.23 -7.35
N PHE A 442 -6.32 -0.14 -7.89
CA PHE A 442 -7.50 0.50 -7.31
C PHE A 442 -8.73 -0.43 -7.29
N TYR A 443 -8.83 -1.29 -8.29
CA TYR A 443 -9.98 -2.19 -8.41
C TYR A 443 -9.61 -3.63 -8.08
N THR A 444 -8.42 -3.82 -7.52
CA THR A 444 -7.94 -5.17 -7.22
C THR A 444 -7.45 -5.31 -5.79
N ALA A 445 -8.06 -6.22 -5.05
CA ALA A 445 -7.60 -6.55 -3.71
C ALA A 445 -6.21 -7.20 -3.80
N THR A 446 -5.39 -6.96 -2.78
CA THR A 446 -4.02 -7.47 -2.77
C THR A 446 -3.97 -8.98 -3.01
N GLU A 447 -4.87 -9.70 -2.35
CA GLU A 447 -4.93 -11.16 -2.47
C GLU A 447 -5.31 -11.61 -3.88
N SER A 448 -5.96 -10.74 -4.63
CA SER A 448 -6.46 -11.09 -5.96
C SER A 448 -5.55 -10.62 -7.09
N GLN A 449 -4.31 -10.27 -6.76
CA GLN A 449 -3.33 -9.85 -7.77
C GLN A 449 -2.94 -11.01 -8.68
N GLU A 451 -3.66 -15.13 -9.40
CA GLU A 451 -4.53 -16.27 -9.15
C GLU A 451 -3.73 -17.46 -8.64
N GLU A 452 -4.35 -18.23 -7.75
CA GLU A 452 -3.69 -19.40 -7.15
C GLU A 452 -4.27 -20.69 -7.72
N ILE A 453 -3.40 -21.57 -8.19
CA ILE A 453 -3.83 -22.86 -8.71
C ILE A 453 -3.12 -24.01 -8.00
N PRO A 454 -3.91 -24.92 -7.39
CA PRO A 454 -3.38 -26.08 -6.67
C PRO A 454 -2.82 -27.13 -7.61
N ARG B 8 -22.22 21.19 37.55
CA ARG B 8 -23.04 19.99 37.73
C ARG B 8 -23.08 19.17 36.45
N ILE B 9 -22.18 18.21 36.36
CA ILE B 9 -22.13 17.30 35.21
C ILE B 9 -22.76 15.96 35.60
N ILE B 10 -23.61 15.44 34.72
CA ILE B 10 -24.31 14.19 34.99
C ILE B 10 -24.01 13.17 33.90
N VAL B 11 -23.64 11.96 34.30
CA VAL B 11 -23.33 10.90 33.35
C VAL B 11 -24.21 9.67 33.61
N VAL B 12 -24.20 8.75 32.66
CA VAL B 12 -24.96 7.51 32.76
C VAL B 12 -24.03 6.32 32.51
N ALA B 13 -24.35 5.20 33.15
CA ALA B 13 -23.55 3.98 33.05
C ALA B 13 -23.90 3.20 31.78
N LEU B 14 -22.86 2.82 31.03
CA LEU B 14 -23.05 2.06 29.81
C LEU B 14 -23.07 0.56 30.09
N TYR B 15 -22.40 0.15 31.17
CA TYR B 15 -22.33 -1.25 31.55
C TYR B 15 -22.52 -1.44 33.06
N ASP B 16 -22.71 -2.68 33.48
CA ASP B 16 -22.77 -3.00 34.90
C ASP B 16 -21.38 -3.08 35.50
N TYR B 17 -21.20 -2.51 36.68
CA TYR B 17 -19.91 -2.57 37.37
C TYR B 17 -20.09 -2.85 38.85
N GLU B 18 -19.45 -3.91 39.33
CA GLU B 18 -19.43 -4.23 40.74
C GLU B 18 -18.11 -3.81 41.36
N ALA B 19 -18.18 -2.99 42.40
CA ALA B 19 -16.98 -2.47 43.07
C ALA B 19 -16.15 -3.58 43.68
N ILE B 20 -14.82 -3.43 43.61
CA ILE B 20 -13.90 -4.41 44.17
C ILE B 20 -12.74 -3.76 44.90
N HIS B 21 -12.86 -2.45 45.14
CA HIS B 21 -11.84 -1.72 45.88
C HIS B 21 -12.42 -1.07 47.14
N HIS B 22 -11.61 -0.27 47.82
CA HIS B 22 -12.00 0.36 49.07
C HIS B 22 -13.01 1.50 48.91
N GLU B 23 -12.87 2.29 47.85
CA GLU B 23 -13.68 3.50 47.71
C GLU B 23 -14.36 3.65 46.35
N ASP B 24 -14.48 2.55 45.61
CA ASP B 24 -15.16 2.60 44.32
C ASP B 24 -16.62 2.19 44.45
N LEU B 25 -17.45 2.61 43.50
CA LEU B 25 -18.90 2.38 43.57
C LEU B 25 -19.37 1.23 42.69
N SER B 26 -20.47 0.60 43.11
CA SER B 26 -21.15 -0.40 42.30
C SER B 26 -22.37 0.23 41.65
N PHE B 27 -22.47 0.14 40.33
CA PHE B 27 -23.61 0.68 39.61
C PHE B 27 -24.12 -0.27 38.53
N GLN B 28 -25.34 -0.03 38.08
CA GLN B 28 -25.95 -0.86 37.04
C GLN B 28 -26.11 -0.10 35.74
N LYS B 29 -26.38 -0.84 34.66
CA LYS B 29 -26.57 -0.27 33.35
C LYS B 29 -27.76 0.69 33.33
N GLY B 30 -27.46 1.99 33.19
CA GLY B 30 -28.50 3.00 33.13
C GLY B 30 -28.51 3.93 34.33
N ASP B 31 -27.74 3.59 35.36
CA ASP B 31 -27.67 4.41 36.56
C ASP B 31 -26.99 5.75 36.29
N GLN B 32 -27.67 6.84 36.62
CA GLN B 32 -27.10 8.17 36.48
C GLN B 32 -26.27 8.54 37.69
N MET B 33 -25.25 9.39 37.47
CA MET B 33 -24.34 9.81 38.52
C MET B 33 -23.89 11.26 38.29
N VAL B 34 -23.47 11.90 39.37
CA VAL B 34 -22.98 13.28 39.30
C VAL B 34 -21.46 13.31 39.41
N VAL B 35 -20.80 13.81 38.37
CA VAL B 35 -19.35 13.90 38.36
C VAL B 35 -18.87 14.98 39.32
N LEU B 36 -17.96 14.61 40.21
CA LEU B 36 -17.41 15.53 41.20
C LEU B 36 -15.96 15.87 40.89
N GLU B 37 -15.25 14.92 40.29
CA GLU B 37 -13.85 15.12 39.94
C GLU B 37 -13.41 14.18 38.83
N GLU B 38 -12.72 14.74 37.83
CA GLU B 38 -12.21 13.96 36.71
C GLU B 38 -10.71 13.78 36.83
N SER B 39 -10.28 12.58 37.19
CA SER B 39 -8.88 12.29 37.46
C SER B 39 -8.35 11.12 36.64
N GLY B 40 -8.56 11.18 35.33
CA GLY B 40 -8.05 10.18 34.42
C GLY B 40 -8.95 8.96 34.29
N GLU B 41 -8.37 7.79 34.52
CA GLU B 41 -9.10 6.53 34.40
C GLU B 41 -10.13 6.36 35.50
N TRP B 42 -9.95 7.07 36.60
CA TRP B 42 -10.88 7.03 37.72
C TRP B 42 -11.46 8.41 38.03
N TRP B 43 -12.77 8.50 38.06
CA TRP B 43 -13.46 9.73 38.42
C TRP B 43 -14.14 9.59 39.77
N LYS B 44 -14.13 10.66 40.56
CA LYS B 44 -14.92 10.69 41.79
C LYS B 44 -16.31 11.19 41.46
N ALA B 45 -17.33 10.44 41.88
CA ALA B 45 -18.70 10.79 41.55
C ALA B 45 -19.69 10.39 42.64
N ARG B 46 -20.94 10.83 42.48
CA ARG B 46 -22.00 10.49 43.42
C ARG B 46 -23.17 9.84 42.69
N SER B 47 -23.44 8.58 43.01
CA SER B 47 -24.55 7.86 42.40
C SER B 47 -25.89 8.51 42.75
N LEU B 48 -26.83 8.50 41.81
CA LEU B 48 -28.15 9.06 42.04
C LEU B 48 -29.14 7.98 42.49
N ALA B 49 -28.69 6.73 42.45
CA ALA B 49 -29.53 5.61 42.85
C ALA B 49 -29.21 5.14 44.27
N THR B 50 -27.94 5.23 44.65
CA THR B 50 -27.50 4.78 45.97
C THR B 50 -27.07 5.94 46.85
N ARG B 51 -26.86 7.10 46.24
CA ARG B 51 -26.48 8.33 46.93
C ARG B 51 -25.09 8.23 47.56
N LYS B 52 -24.33 7.22 47.17
CA LYS B 52 -22.99 7.01 47.70
C LYS B 52 -21.94 7.71 46.83
N GLU B 53 -21.02 8.40 47.48
CA GLU B 53 -19.91 9.05 46.78
C GLU B 53 -18.67 8.15 46.76
N GLY B 54 -18.15 7.91 45.57
CA GLY B 54 -16.99 7.04 45.42
C GLY B 54 -16.28 7.19 44.09
N TYR B 55 -15.61 6.14 43.66
CA TYR B 55 -14.84 6.18 42.41
C TYR B 55 -15.43 5.27 41.35
N ILE B 56 -15.42 5.75 40.10
CA ILE B 56 -15.93 4.99 38.97
C ILE B 56 -14.95 5.04 37.81
N PRO B 57 -14.89 3.96 37.02
CA PRO B 57 -14.05 3.93 35.81
C PRO B 57 -14.62 4.82 34.72
N SER B 58 -13.79 5.73 34.21
CA SER B 58 -14.20 6.69 33.18
C SER B 58 -14.83 6.04 31.95
N ASN B 59 -14.17 4.99 31.45
CA ASN B 59 -14.61 4.32 30.24
C ASN B 59 -15.89 3.50 30.39
N TYR B 60 -16.50 3.56 31.57
CA TYR B 60 -17.72 2.82 31.85
C TYR B 60 -18.96 3.71 31.79
N VAL B 61 -18.75 5.01 31.61
CA VAL B 61 -19.86 5.96 31.59
C VAL B 61 -19.76 6.96 30.44
N ALA B 62 -20.90 7.52 30.06
CA ALA B 62 -20.94 8.57 29.04
C ALA B 62 -21.96 9.62 29.45
N ARG B 63 -21.90 10.81 28.85
CA ARG B 63 -22.85 11.86 29.21
C ARG B 63 -24.25 11.50 28.73
N VAL B 64 -25.27 11.93 29.48
CA VAL B 64 -26.65 11.49 29.26
C VAL B 64 -27.18 11.86 27.88
N ASP B 65 -27.91 10.90 27.28
CA ASP B 65 -28.53 11.07 25.97
C ASP B 65 -27.53 11.49 24.89
N SER B 66 -26.26 11.19 25.10
CA SER B 66 -25.26 11.39 24.06
C SER B 66 -25.28 10.18 23.14
N LEU B 67 -24.41 10.19 22.13
CA LEU B 67 -24.41 9.12 21.13
C LEU B 67 -23.91 7.80 21.72
N GLU B 68 -22.89 7.87 22.57
CA GLU B 68 -22.34 6.66 23.19
C GLU B 68 -23.37 5.85 23.96
N THR B 69 -24.38 6.52 24.50
CA THR B 69 -25.42 5.85 25.27
C THR B 69 -26.28 4.94 24.40
N GLU B 70 -26.31 5.21 23.10
CA GLU B 70 -27.10 4.42 22.17
C GLU B 70 -26.49 3.04 21.98
N GLU B 71 -27.35 2.02 21.86
CA GLU B 71 -26.91 0.65 21.75
C GLU B 71 -26.23 0.33 20.42
N TRP B 72 -26.37 1.23 19.45
CA TRP B 72 -25.85 0.99 18.12
C TRP B 72 -24.69 1.92 17.75
N PHE B 73 -24.27 2.75 18.70
CA PHE B 73 -23.14 3.65 18.45
C PHE B 73 -21.89 3.20 19.19
N PHE B 74 -20.75 3.22 18.48
CA PHE B 74 -19.48 2.83 19.07
C PHE B 74 -18.44 3.91 18.79
N LYS B 75 -17.95 4.55 19.85
CA LYS B 75 -17.06 5.70 19.72
C LYS B 75 -15.59 5.33 19.53
N GLY B 76 -14.93 6.05 18.62
CA GLY B 76 -13.49 5.99 18.47
C GLY B 76 -12.87 4.77 17.79
N ILE B 77 -13.71 3.88 17.26
CA ILE B 77 -13.18 2.67 16.62
C ILE B 77 -13.08 2.85 15.11
N SER B 78 -12.07 2.22 14.52
CA SER B 78 -11.83 2.31 13.09
C SER B 78 -12.70 1.35 12.28
N ARG B 79 -12.57 1.40 10.96
CA ARG B 79 -13.33 0.54 10.06
C ARG B 79 -12.99 -0.94 10.29
N LYS B 80 -11.69 -1.22 10.38
CA LYS B 80 -11.22 -2.58 10.63
C LYS B 80 -11.73 -3.09 11.97
N ASP B 81 -11.72 -2.22 12.98
CA ASP B 81 -12.22 -2.54 14.31
C ASP B 81 -13.70 -2.89 14.25
N ALA B 82 -14.45 -2.12 13.48
CA ALA B 82 -15.87 -2.39 13.27
C ALA B 82 -16.06 -3.76 12.62
N GLU B 83 -15.27 -4.04 11.60
CA GLU B 83 -15.32 -5.32 10.91
C GLU B 83 -15.05 -6.49 11.87
N ARG B 84 -14.10 -6.30 12.77
CA ARG B 84 -13.73 -7.34 13.72
C ARG B 84 -14.83 -7.56 14.77
N GLN B 85 -15.32 -6.47 15.35
CA GLN B 85 -16.35 -6.56 16.38
C GLN B 85 -17.66 -7.11 15.80
N LEU B 86 -17.90 -6.83 14.52
CA LEU B 86 -19.11 -7.33 13.87
C LEU B 86 -18.96 -8.79 13.45
N LEU B 87 -17.75 -9.20 13.11
CA LEU B 87 -17.50 -10.58 12.69
C LEU B 87 -17.24 -11.49 13.89
N ALA B 88 -17.28 -10.91 15.08
CA ALA B 88 -17.07 -11.67 16.31
C ALA B 88 -18.28 -12.54 16.62
N PRO B 89 -18.07 -13.66 17.33
CA PRO B 89 -19.16 -14.55 17.74
C PRO B 89 -20.23 -13.81 18.56
N GLY B 90 -21.49 -14.13 18.31
CA GLY B 90 -22.59 -13.51 19.01
C GLY B 90 -23.36 -12.54 18.13
N ASN B 91 -23.01 -12.52 16.84
CA ASN B 91 -23.69 -11.65 15.89
C ASN B 91 -24.26 -12.45 14.73
N MET B 92 -25.16 -11.83 13.97
CA MET B 92 -25.81 -12.51 12.85
C MET B 92 -25.93 -11.59 11.65
N LEU B 93 -26.65 -12.04 10.62
CA LEU B 93 -26.93 -11.20 9.46
C LEU B 93 -27.76 -10.00 9.88
N GLY B 94 -27.45 -8.85 9.29
CA GLY B 94 -28.17 -7.63 9.62
C GLY B 94 -27.57 -6.88 10.79
N SER B 95 -26.70 -7.55 11.54
CA SER B 95 -26.00 -6.93 12.66
C SER B 95 -25.29 -5.67 12.19
N PHE B 96 -25.48 -4.58 12.91
CA PHE B 96 -25.02 -3.28 12.44
C PHE B 96 -24.49 -2.41 13.55
N MET B 97 -23.89 -1.29 13.16
CA MET B 97 -23.42 -0.29 14.11
C MET B 97 -23.17 1.05 13.43
N ILE B 98 -23.25 2.13 14.20
CA ILE B 98 -22.91 3.45 13.71
C ILE B 98 -21.68 3.97 14.44
N ARG B 99 -20.71 4.49 13.70
CA ARG B 99 -19.43 4.86 14.28
C ARG B 99 -18.89 6.17 13.73
N ASP B 100 -17.88 6.72 14.39
CA ASP B 100 -17.21 7.91 13.90
C ASP B 100 -16.43 7.57 12.62
N SER B 101 -16.71 8.31 11.55
CA SER B 101 -15.99 8.11 10.30
C SER B 101 -14.50 8.32 10.50
N GLU B 102 -13.69 7.47 9.89
CA GLU B 102 -12.25 7.49 10.13
C GLU B 102 -11.55 8.35 9.08
N THR B 103 -12.21 8.56 7.95
CA THR B 103 -11.65 9.37 6.87
C THR B 103 -12.50 10.60 6.61
N SER B 107 -17.81 13.27 11.02
CA SER B 107 -18.96 12.63 10.40
C SER B 107 -19.12 11.18 10.87
N TYR B 108 -20.18 10.53 10.44
CA TYR B 108 -20.47 9.16 10.88
C TYR B 108 -20.56 8.18 9.72
N SER B 109 -20.38 6.90 10.04
CA SER B 109 -20.50 5.83 9.06
C SER B 109 -21.29 4.65 9.63
N LEU B 110 -21.90 3.87 8.74
CA LEU B 110 -22.68 2.71 9.13
C LEU B 110 -22.03 1.41 8.68
N SER B 111 -21.81 0.49 9.62
CA SER B 111 -21.21 -0.80 9.30
C SER B 111 -22.23 -1.93 9.51
N VAL B 112 -22.47 -2.71 8.45
CA VAL B 112 -23.50 -3.75 8.49
C VAL B 112 -22.90 -5.12 8.15
N ARG B 113 -23.32 -6.16 8.86
CA ARG B 113 -22.83 -7.51 8.59
C ARG B 113 -23.60 -8.15 7.45
N ASP B 114 -22.87 -8.69 6.49
CA ASP B 114 -23.44 -9.30 5.29
C ASP B 114 -22.87 -10.70 5.09
N TYR B 115 -23.43 -11.46 4.16
CA TYR B 115 -22.90 -12.78 3.83
C TYR B 115 -22.82 -12.98 2.32
N ASP B 116 -21.85 -13.79 1.90
CA ASP B 116 -21.66 -14.14 0.49
C ASP B 116 -20.82 -15.41 0.42
N PRO B 117 -21.24 -16.36 -0.42
CA PRO B 117 -20.65 -17.70 -0.50
C PRO B 117 -19.19 -17.74 -0.97
N ARG B 118 -18.68 -16.64 -1.54
CA ARG B 118 -17.32 -16.66 -2.06
C ARG B 118 -16.32 -16.12 -1.03
N GLN B 119 -16.83 -15.41 -0.03
CA GLN B 119 -15.97 -14.87 1.02
C GLN B 119 -16.40 -15.36 2.40
N GLY B 120 -17.68 -15.70 2.54
CA GLY B 120 -18.21 -16.09 3.84
C GLY B 120 -18.86 -14.87 4.47
N ASP B 121 -18.81 -14.78 5.80
CA ASP B 121 -19.34 -13.61 6.48
C ASP B 121 -18.43 -12.41 6.29
N THR B 122 -19.04 -11.28 5.93
CA THR B 122 -18.31 -10.05 5.63
C THR B 122 -18.98 -8.85 6.28
N VAL B 123 -18.38 -7.68 6.13
CA VAL B 123 -18.98 -6.44 6.64
C VAL B 123 -18.90 -5.32 5.61
N LYS B 124 -20.06 -4.80 5.23
CA LYS B 124 -20.13 -3.69 4.29
C LYS B 124 -20.19 -2.36 5.05
N HIS B 125 -19.67 -1.31 4.43
CA HIS B 125 -19.62 0.00 5.06
C HIS B 125 -20.24 1.08 4.17
N TYR B 126 -21.12 1.88 4.76
CA TYR B 126 -21.82 2.94 4.05
C TYR B 126 -21.55 4.29 4.69
N LYS B 127 -21.09 5.25 3.89
CA LYS B 127 -20.88 6.60 4.39
C LYS B 127 -22.21 7.29 4.66
N ILE B 128 -22.28 8.06 5.73
CA ILE B 128 -23.49 8.78 6.10
C ILE B 128 -23.30 10.27 6.00
N THR B 146 -33.72 11.94 12.46
CA THR B 146 -32.78 11.44 13.45
C THR B 146 -32.07 10.18 12.95
N LEU B 147 -30.89 9.91 13.50
CA LEU B 147 -30.15 8.70 13.15
C LEU B 147 -30.92 7.46 13.58
N GLN B 148 -31.73 7.61 14.62
CA GLN B 148 -32.54 6.52 15.13
C GLN B 148 -33.67 6.23 14.15
N GLU B 149 -34.08 7.27 13.43
CA GLU B 149 -35.09 7.12 12.38
C GLU B 149 -34.49 6.39 11.19
N LEU B 150 -33.23 6.70 10.88
CA LEU B 150 -32.49 5.97 9.85
C LEU B 150 -32.41 4.49 10.18
N VAL B 151 -31.91 4.19 11.38
CA VAL B 151 -31.73 2.82 11.81
C VAL B 151 -33.07 2.07 11.85
N ASP B 152 -34.09 2.72 12.40
CA ASP B 152 -35.43 2.13 12.45
C ASP B 152 -35.98 1.90 11.05
N HIS B 153 -35.62 2.76 10.11
CA HIS B 153 -36.08 2.65 8.74
C HIS B 153 -35.46 1.46 8.04
N TYR B 154 -34.13 1.36 8.07
CA TYR B 154 -33.44 0.26 7.40
C TYR B 154 -33.65 -1.07 8.14
N LYS B 155 -34.38 -1.04 9.25
CA LYS B 155 -34.78 -2.25 9.95
C LYS B 155 -36.04 -2.85 9.32
N LYS B 156 -36.69 -2.09 8.46
CA LYS B 156 -37.93 -2.54 7.85
C LYS B 156 -37.67 -3.37 6.60
N GLY B 157 -36.58 -3.06 5.90
CA GLY B 157 -36.20 -3.82 4.72
C GLY B 157 -34.99 -3.29 3.99
N ASN B 158 -34.16 -4.22 3.51
CA ASN B 158 -33.01 -3.91 2.65
C ASN B 158 -33.27 -2.81 1.62
N ASP B 159 -33.29 -1.55 2.07
CA ASP B 159 -33.60 -0.43 1.20
C ASP B 159 -32.40 -0.05 0.33
N GLY B 160 -31.84 -1.05 -0.36
CA GLY B 160 -30.68 -0.82 -1.20
C GLY B 160 -29.44 -1.40 -0.54
N LEU B 161 -29.52 -1.56 0.77
CA LEU B 161 -28.41 -2.12 1.55
C LEU B 161 -28.19 -3.58 1.22
N CYS B 162 -26.99 -4.07 1.54
CA CYS B 162 -26.64 -5.46 1.34
C CYS B 162 -27.52 -6.40 2.15
N GLN B 163 -28.05 -5.89 3.26
CA GLN B 163 -28.87 -6.70 4.16
C GLN B 163 -29.77 -5.80 5.01
N LYS B 164 -30.92 -6.35 5.40
CA LYS B 164 -31.85 -5.63 6.27
C LYS B 164 -31.30 -5.58 7.69
N LEU B 165 -31.40 -4.41 8.32
CA LEU B 165 -30.89 -4.23 9.67
C LEU B 165 -31.65 -5.08 10.68
N SER B 166 -30.91 -5.62 11.64
CA SER B 166 -31.49 -6.48 12.67
C SER B 166 -31.14 -6.01 14.07
N VAL B 167 -30.12 -6.65 14.67
CA VAL B 167 -29.71 -6.32 16.03
C VAL B 167 -28.36 -5.60 16.02
N PRO B 168 -28.21 -4.59 16.90
CA PRO B 168 -26.95 -3.87 17.06
C PRO B 168 -25.78 -4.81 17.37
N CYS B 169 -24.56 -4.39 17.06
CA CYS B 169 -23.39 -5.21 17.33
C CYS B 169 -23.28 -5.47 18.82
N MET B 170 -22.92 -6.71 19.17
CA MET B 170 -22.81 -7.09 20.57
C MET B 170 -21.73 -6.27 21.28
N SER B 171 -22.16 -5.50 22.28
CA SER B 171 -21.24 -4.66 23.03
C SER B 171 -20.46 -5.51 24.02
N SER B 172 -19.18 -5.20 24.18
CA SER B 172 -18.33 -5.93 25.11
C SER B 172 -17.89 -5.03 26.24
N LYS B 173 -18.12 -5.47 27.47
CA LYS B 173 -17.69 -4.74 28.65
C LYS B 173 -16.18 -4.50 28.60
N PRO B 174 -15.77 -3.22 28.69
CA PRO B 174 -14.36 -2.84 28.56
C PRO B 174 -13.52 -3.33 29.73
N GLN B 175 -12.20 -3.18 29.60
CA GLN B 175 -11.28 -3.64 30.62
C GLN B 175 -11.36 -2.76 31.87
N LYS B 176 -11.54 -3.39 33.02
CA LYS B 176 -11.54 -2.68 34.29
C LYS B 176 -10.15 -2.08 34.53
N PRO B 177 -10.08 -0.75 34.66
CA PRO B 177 -8.79 -0.06 34.81
C PRO B 177 -8.06 -0.48 36.08
N TRP B 178 -6.75 -0.26 36.10
CA TRP B 178 -5.92 -0.62 37.24
C TRP B 178 -6.15 0.37 38.37
N GLU B 179 -6.05 -0.13 39.61
CA GLU B 179 -6.28 0.68 40.80
C GLU B 179 -5.39 1.92 40.81
N LYS B 180 -5.94 3.03 41.30
CA LYS B 180 -5.24 4.32 41.26
C LYS B 180 -3.99 4.32 42.12
N ASP B 181 -2.96 5.02 41.63
CA ASP B 181 -1.70 5.16 42.35
C ASP B 181 -1.10 3.82 42.77
N ALA B 182 -1.33 2.79 41.96
CA ALA B 182 -0.83 1.46 42.28
C ALA B 182 0.18 0.97 41.24
N TRP B 183 1.09 1.85 40.84
CA TRP B 183 2.15 1.48 39.91
C TRP B 183 3.17 0.58 40.63
N GLU B 184 3.63 1.04 41.78
CA GLU B 184 4.50 0.23 42.62
C GLU B 184 3.68 -0.44 43.72
N ILE B 185 3.63 -1.76 43.69
CA ILE B 185 2.81 -2.52 44.62
C ILE B 185 3.67 -3.38 45.54
N PRO B 186 3.17 -3.64 46.77
CA PRO B 186 3.87 -4.56 47.67
C PRO B 186 3.72 -6.00 47.19
N ARG B 187 4.74 -6.83 47.41
CA ARG B 187 4.72 -8.20 46.92
C ARG B 187 3.61 -9.02 47.56
N GLU B 188 3.23 -8.63 48.78
CA GLU B 188 2.18 -9.34 49.52
C GLU B 188 0.82 -9.24 48.83
N SER B 189 0.66 -8.23 47.98
CA SER B 189 -0.58 -8.03 47.25
C SER B 189 -0.79 -9.11 46.19
N LEU B 190 0.28 -9.81 45.84
CA LEU B 190 0.23 -10.82 44.79
C LEU B 190 0.26 -12.24 45.32
N LYS B 191 -0.57 -13.10 44.72
CA LYS B 191 -0.49 -14.53 44.97
C LYS B 191 -0.23 -15.26 43.66
N LEU B 192 1.04 -15.58 43.42
CA LEU B 192 1.43 -16.30 42.20
C LEU B 192 0.91 -17.73 42.27
N GLU B 193 -0.06 -18.05 41.43
CA GLU B 193 -0.78 -19.32 41.55
C GLU B 193 -0.21 -20.43 40.66
N LYS B 194 -0.07 -20.17 39.36
CA LYS B 194 0.40 -21.22 38.46
C LYS B 194 1.50 -20.79 37.52
N LYS B 195 2.64 -21.47 37.57
CA LYS B 195 3.76 -21.12 36.69
C LYS B 195 3.41 -21.50 35.25
N LEU B 196 3.45 -20.51 34.36
CA LEU B 196 3.04 -20.70 32.98
C LEU B 196 4.22 -20.94 32.06
N GLY B 197 5.41 -20.54 32.52
CA GLY B 197 6.63 -20.70 31.75
C GLY B 197 7.86 -20.31 32.53
N ALA B 198 8.98 -20.92 32.17
CA ALA B 198 10.25 -20.65 32.84
C ALA B 198 11.37 -20.46 31.83
N GLY B 199 12.37 -19.67 32.20
CA GLY B 199 13.50 -19.40 31.32
C GLY B 199 14.76 -19.06 32.08
N GLN B 200 15.82 -18.76 31.35
CA GLN B 200 17.12 -18.47 31.95
C GLN B 200 17.10 -17.18 32.77
N PHE B 201 16.28 -16.22 32.34
CA PHE B 201 16.24 -14.91 32.98
C PHE B 201 15.13 -14.80 34.04
N GLY B 202 14.24 -15.78 34.09
CA GLY B 202 13.17 -15.75 35.06
C GLY B 202 11.99 -16.64 34.74
N GLU B 203 10.84 -16.36 35.35
CA GLU B 203 9.64 -17.17 35.15
C GLU B 203 8.40 -16.35 34.86
N VAL B 204 7.35 -17.02 34.41
CA VAL B 204 6.08 -16.37 34.11
C VAL B 204 4.94 -17.08 34.84
N TRP B 205 4.17 -16.32 35.61
CA TRP B 205 3.12 -16.88 36.45
C TRP B 205 1.75 -16.29 36.18
N MET B 206 0.72 -17.12 36.31
CA MET B 206 -0.65 -16.67 36.43
C MET B 206 -0.90 -16.43 37.91
N ALA B 207 -1.33 -15.21 38.22
CA ALA B 207 -1.43 -14.76 39.61
C ALA B 207 -2.69 -13.95 39.86
N THR B 208 -2.93 -13.65 41.13
CA THR B 208 -4.08 -12.84 41.51
C THR B 208 -3.62 -11.62 42.33
N TYR B 209 -4.17 -10.45 42.01
CA TYR B 209 -3.86 -9.22 42.70
C TYR B 209 -5.00 -8.81 43.63
N ASN B 210 -4.66 -8.71 44.92
CA ASN B 210 -5.59 -8.35 45.99
C ASN B 210 -6.90 -9.14 45.94
N LYS B 211 -6.80 -10.42 45.60
CA LYS B 211 -7.92 -11.35 45.64
C LYS B 211 -9.06 -10.96 44.69
N HIS B 212 -8.84 -9.97 43.84
CA HIS B 212 -9.89 -9.55 42.91
C HIS B 212 -9.46 -9.53 41.43
N THR B 213 -8.21 -9.20 41.15
CA THR B 213 -7.83 -9.01 39.75
C THR B 213 -6.81 -10.04 39.23
N LYS B 214 -7.26 -10.92 38.35
CA LYS B 214 -6.39 -11.91 37.74
C LYS B 214 -5.37 -11.24 36.83
N VAL B 215 -4.09 -11.48 37.10
CA VAL B 215 -3.01 -10.87 36.30
C VAL B 215 -1.91 -11.87 35.96
N ALA B 216 -0.94 -11.42 35.17
CA ALA B 216 0.22 -12.21 34.83
C ALA B 216 1.49 -11.54 35.35
N VAL B 217 2.30 -12.29 36.09
CA VAL B 217 3.50 -11.74 36.70
C VAL B 217 4.77 -12.38 36.12
N LYS B 218 5.73 -11.54 35.72
CA LYS B 218 7.01 -12.05 35.28
C LYS B 218 8.07 -11.81 36.35
N THR B 219 8.60 -12.92 36.88
CA THR B 219 9.62 -12.86 37.91
C THR B 219 11.00 -12.83 37.28
N MET B 220 11.76 -11.79 37.59
CA MET B 220 13.08 -11.59 37.00
C MET B 220 14.19 -11.98 37.96
N LYS B 221 15.01 -12.94 37.54
CA LYS B 221 16.18 -13.32 38.32
C LYS B 221 17.17 -12.16 38.44
N PRO B 222 17.67 -11.90 39.66
CA PRO B 222 18.61 -10.80 39.92
C PRO B 222 19.83 -10.84 39.00
N GLY B 223 19.91 -9.87 38.09
CA GLY B 223 21.02 -9.78 37.16
C GLY B 223 20.64 -9.07 35.88
N SER B 226 19.30 -5.34 35.31
CA SER B 226 19.70 -4.57 36.49
C SER B 226 18.58 -3.64 36.94
N VAL B 227 18.62 -3.27 38.22
CA VAL B 227 17.60 -2.42 38.82
C VAL B 227 17.75 -0.98 38.30
N GLU B 228 16.73 -0.15 38.50
CA GLU B 228 16.65 1.24 38.02
C GLU B 228 16.66 1.39 36.51
N ALA B 229 17.64 0.76 35.86
CA ALA B 229 17.76 0.82 34.40
C ALA B 229 16.49 0.28 33.77
N PHE B 230 16.06 -0.85 34.29
CA PHE B 230 14.81 -1.46 33.87
C PHE B 230 13.62 -0.62 34.29
N LEU B 231 13.67 -0.14 35.54
CA LEU B 231 12.54 0.58 36.11
C LEU B 231 12.20 1.81 35.30
N ALA B 232 13.24 2.57 34.98
CA ALA B 232 13.07 3.77 34.19
C ALA B 232 12.57 3.36 32.82
N GLU B 233 13.15 2.29 32.28
CA GLU B 233 12.73 1.78 30.99
C GLU B 233 11.25 1.38 31.08
N ALA B 234 10.87 0.82 32.22
CA ALA B 234 9.48 0.40 32.38
C ALA B 234 8.60 1.62 32.44
N ASN B 235 9.12 2.71 33.02
CA ASN B 235 8.38 3.95 33.09
C ASN B 235 8.18 4.53 31.71
N VAL B 236 9.04 4.13 30.79
CA VAL B 236 8.84 4.49 29.39
C VAL B 236 7.73 3.61 28.81
N MET B 237 7.85 2.31 29.04
CA MET B 237 6.90 1.33 28.50
C MET B 237 5.48 1.64 28.91
N LYS B 238 5.33 2.11 30.14
CA LYS B 238 4.02 2.39 30.72
C LYS B 238 3.27 3.46 29.91
N THR B 239 4.02 4.33 29.23
CA THR B 239 3.39 5.41 28.46
C THR B 239 3.02 4.95 27.05
N LEU B 240 3.52 3.77 26.66
CA LEU B 240 3.21 3.21 25.35
C LEU B 240 1.95 2.34 25.38
N GLN B 241 0.81 2.95 25.64
CA GLN B 241 -0.44 2.21 25.76
C GLN B 241 -1.17 2.13 24.42
N HIS B 242 -1.52 0.91 24.04
CA HIS B 242 -2.22 0.66 22.78
C HIS B 242 -2.96 -0.68 22.87
N ASP B 243 -4.08 -0.79 22.17
CA ASP B 243 -4.92 -1.97 22.22
C ASP B 243 -4.21 -3.22 21.69
N LYS B 244 -3.11 -3.01 20.97
CA LYS B 244 -2.37 -4.12 20.40
C LYS B 244 -1.04 -4.33 21.11
N LEU B 245 -0.89 -3.67 22.25
CA LEU B 245 0.24 -3.87 23.14
C LEU B 245 -0.25 -4.35 24.50
N VAL B 246 0.46 -5.28 25.10
CA VAL B 246 0.05 -5.83 26.39
C VAL B 246 0.06 -4.74 27.46
N LYS B 247 -1.02 -4.67 28.24
CA LYS B 247 -1.16 -3.63 29.24
C LYS B 247 -0.24 -3.86 30.44
N LEU B 248 0.66 -2.92 30.69
CA LEU B 248 1.57 -3.02 31.82
C LEU B 248 0.94 -2.33 33.03
N HIS B 249 0.50 -3.14 33.99
CA HIS B 249 -0.27 -2.63 35.12
C HIS B 249 0.60 -2.11 36.25
N ALA B 250 1.34 -3.01 36.89
CA ALA B 250 2.12 -2.65 38.07
C ALA B 250 3.50 -3.31 38.06
N VAL B 251 4.32 -2.97 39.05
CA VAL B 251 5.65 -3.55 39.17
C VAL B 251 6.06 -3.67 40.64
N VAL B 252 6.78 -4.74 40.97
CA VAL B 252 7.37 -4.88 42.29
C VAL B 252 8.84 -4.48 42.19
N THR B 253 9.31 -3.69 43.16
CA THR B 253 10.60 -3.02 43.02
C THR B 253 11.73 -3.77 43.71
N LYS B 254 11.48 -4.31 44.90
CA LYS B 254 12.48 -5.12 45.59
C LYS B 254 12.80 -6.37 44.79
N GLU B 255 14.07 -6.77 44.79
CA GLU B 255 14.49 -7.95 44.06
C GLU B 255 13.99 -9.23 44.75
N PRO B 256 13.58 -10.23 43.94
CA PRO B 256 13.52 -10.22 42.48
C PRO B 256 12.37 -9.38 41.93
N ILE B 257 12.60 -8.72 40.80
CA ILE B 257 11.62 -7.82 40.20
C ILE B 257 10.42 -8.57 39.66
N TYR B 258 9.21 -8.10 40.01
CA TYR B 258 7.99 -8.69 39.45
C TYR B 258 7.34 -7.71 38.49
N ILE B 259 7.04 -8.18 37.27
CA ILE B 259 6.37 -7.35 36.28
C ILE B 259 4.91 -7.78 36.12
N ILE B 260 3.99 -6.90 36.50
CA ILE B 260 2.57 -7.25 36.49
C ILE B 260 1.87 -6.69 35.26
N THR B 261 1.31 -7.58 34.45
CA THR B 261 0.58 -7.19 33.25
C THR B 261 -0.77 -7.89 33.17
N GLU B 262 -1.58 -7.50 32.18
CA GLU B 262 -2.88 -8.12 31.99
C GLU B 262 -2.73 -9.59 31.61
N PHE B 263 -3.73 -10.39 31.97
CA PHE B 263 -3.69 -11.83 31.71
C PHE B 263 -4.29 -12.18 30.35
N MET B 264 -3.52 -12.89 29.54
CA MET B 264 -3.99 -13.38 28.25
C MET B 264 -4.29 -14.88 28.33
N ALA B 265 -5.56 -15.23 28.15
CA ALA B 265 -6.03 -16.59 28.37
C ALA B 265 -5.35 -17.62 27.47
N LYS B 266 -5.22 -17.29 26.18
CA LYS B 266 -4.69 -18.25 25.21
C LYS B 266 -3.18 -18.18 25.08
N GLY B 267 -2.55 -17.38 25.94
CA GLY B 267 -1.10 -17.34 26.04
C GLY B 267 -0.41 -16.80 24.80
N SER B 268 0.76 -17.35 24.51
CA SER B 268 1.58 -16.90 23.38
C SER B 268 0.99 -17.35 22.05
N LEU B 269 1.31 -16.59 21.00
CA LEU B 269 0.84 -16.91 19.66
C LEU B 269 1.44 -18.23 19.17
N LEU B 270 2.67 -18.50 19.58
CA LEU B 270 3.35 -19.75 19.24
C LEU B 270 2.60 -20.96 19.79
N ASP B 271 2.36 -20.95 21.10
CA ASP B 271 1.66 -22.04 21.76
C ASP B 271 0.25 -22.21 21.24
N PHE B 272 -0.40 -21.09 20.92
CA PHE B 272 -1.77 -21.13 20.40
C PHE B 272 -1.81 -21.73 19.00
N LEU B 273 -0.83 -21.35 18.18
CA LEU B 273 -0.74 -21.88 16.82
C LEU B 273 -0.41 -23.36 16.84
N LYS B 274 0.39 -23.78 17.81
CA LYS B 274 0.73 -25.19 17.97
C LYS B 274 -0.39 -25.96 18.66
N SER B 275 -1.31 -25.23 19.29
CA SER B 275 -2.45 -25.85 19.96
C SER B 275 -3.44 -26.43 18.95
N ASP B 276 -4.47 -27.10 19.46
CA ASP B 276 -5.47 -27.74 18.62
C ASP B 276 -6.37 -26.71 17.93
N GLU B 277 -6.81 -25.72 18.69
CA GLU B 277 -7.67 -24.67 18.16
C GLU B 277 -6.95 -23.85 17.10
N GLY B 278 -5.66 -23.63 17.30
CA GLY B 278 -4.85 -22.87 16.36
C GLY B 278 -4.76 -23.50 14.98
N SER B 279 -4.64 -24.83 14.94
CA SER B 279 -4.54 -25.55 13.67
C SER B 279 -5.85 -25.50 12.90
N LYS B 280 -6.92 -25.05 13.56
CA LYS B 280 -8.23 -24.95 12.93
C LYS B 280 -8.49 -23.54 12.41
N GLN B 281 -7.60 -22.62 12.75
CA GLN B 281 -7.73 -21.23 12.30
C GLN B 281 -7.43 -21.10 10.81
N PRO B 282 -8.39 -20.54 10.05
CA PRO B 282 -8.23 -20.35 8.61
C PRO B 282 -7.17 -19.30 8.26
N LEU B 283 -6.89 -19.16 6.97
CA LEU B 283 -5.88 -18.23 6.48
C LEU B 283 -6.24 -16.75 6.73
N PRO B 284 -7.50 -16.34 6.46
CA PRO B 284 -7.85 -14.96 6.78
C PRO B 284 -7.68 -14.61 8.26
N LYS B 285 -7.83 -15.59 9.13
CA LYS B 285 -7.65 -15.37 10.57
C LYS B 285 -6.19 -15.15 10.92
N LEU B 286 -5.31 -15.91 10.27
CA LEU B 286 -3.87 -15.75 10.47
C LEU B 286 -3.43 -14.38 9.97
N ILE B 287 -3.95 -14.00 8.81
CA ILE B 287 -3.67 -12.69 8.23
C ILE B 287 -4.20 -11.59 9.15
N ASP B 288 -5.35 -11.83 9.77
CA ASP B 288 -5.91 -10.88 10.73
C ASP B 288 -4.99 -10.73 11.95
N PHE B 289 -4.50 -11.86 12.45
CA PHE B 289 -3.56 -11.87 13.57
C PHE B 289 -2.36 -10.99 13.23
N SER B 290 -1.78 -11.25 12.06
CA SER B 290 -0.58 -10.55 11.64
C SER B 290 -0.89 -9.08 11.32
N ALA B 291 -2.16 -8.79 11.08
CA ALA B 291 -2.60 -7.42 10.84
C ALA B 291 -2.67 -6.65 12.16
N GLN B 292 -3.10 -7.34 13.22
CA GLN B 292 -3.12 -6.75 14.55
C GLN B 292 -1.70 -6.50 15.02
N ILE B 293 -0.84 -7.49 14.80
CA ILE B 293 0.58 -7.37 15.13
C ILE B 293 1.21 -6.20 14.36
N ALA B 294 0.88 -6.11 13.07
CA ALA B 294 1.37 -5.03 12.22
C ALA B 294 0.89 -3.68 12.73
N GLU B 295 -0.34 -3.63 13.21
CA GLU B 295 -0.90 -2.40 13.77
C GLU B 295 -0.15 -1.96 15.03
N GLY B 296 0.11 -2.92 15.91
CA GLY B 296 0.85 -2.64 17.13
C GLY B 296 2.26 -2.14 16.83
N MET B 297 2.95 -2.85 15.94
CA MET B 297 4.29 -2.46 15.52
C MET B 297 4.28 -1.12 14.79
N ALA B 298 3.14 -0.77 14.21
CA ALA B 298 2.99 0.52 13.55
C ALA B 298 2.85 1.62 14.60
N PHE B 299 2.18 1.29 15.71
CA PHE B 299 2.10 2.22 16.83
C PHE B 299 3.47 2.45 17.43
N ILE B 300 4.22 1.36 17.59
CA ILE B 300 5.60 1.44 18.06
C ILE B 300 6.45 2.27 17.08
N GLU B 301 6.17 2.12 15.80
CA GLU B 301 6.91 2.82 14.76
C GLU B 301 6.66 4.33 14.79
N GLN B 302 5.40 4.71 14.98
CA GLN B 302 5.02 6.12 15.02
C GLN B 302 5.61 6.83 16.23
N ARG B 303 5.78 6.09 17.31
CA ARG B 303 6.34 6.64 18.54
C ARG B 303 7.87 6.61 18.51
N ASN B 304 8.42 6.09 17.41
CA ASN B 304 9.87 5.93 17.26
C ASN B 304 10.48 5.07 18.37
N TYR B 305 10.11 3.80 18.40
CA TYR B 305 10.70 2.84 19.32
C TYR B 305 11.15 1.57 18.59
N ILE B 306 11.67 0.61 19.36
CA ILE B 306 12.18 -0.62 18.79
C ILE B 306 11.80 -1.80 19.70
N HIS B 307 11.42 -2.93 19.10
CA HIS B 307 11.07 -4.11 19.87
C HIS B 307 12.28 -4.98 20.19
N ARG B 308 13.14 -5.16 19.17
CA ARG B 308 14.40 -5.90 19.27
C ARG B 308 14.23 -7.41 19.29
N ASP B 309 13.05 -7.89 19.67
CA ASP B 309 12.83 -9.33 19.76
C ASP B 309 11.42 -9.72 19.32
N LEU B 310 11.14 -9.58 18.03
CA LEU B 310 9.81 -9.86 17.49
C LEU B 310 9.66 -11.30 17.01
N ARG B 311 8.87 -12.09 17.73
CA ARG B 311 8.55 -13.45 17.33
C ARG B 311 7.18 -13.83 17.87
N ALA B 312 6.65 -14.97 17.40
CA ALA B 312 5.36 -15.46 17.87
C ALA B 312 5.40 -15.79 19.35
N ALA B 313 6.59 -16.05 19.87
CA ALA B 313 6.77 -16.33 21.29
C ALA B 313 6.53 -15.07 22.12
N ASN B 314 6.80 -13.91 21.53
CA ASN B 314 6.62 -12.64 22.22
C ASN B 314 5.33 -11.94 21.83
N ILE B 315 4.42 -12.68 21.21
CA ILE B 315 3.08 -12.17 20.92
C ILE B 315 2.05 -12.94 21.74
N LEU B 316 1.20 -12.22 22.46
CA LEU B 316 0.19 -12.84 23.31
C LEU B 316 -1.18 -12.84 22.66
N VAL B 317 -2.03 -13.76 23.10
CA VAL B 317 -3.37 -13.92 22.56
C VAL B 317 -4.41 -13.92 23.67
N SER B 318 -5.39 -13.01 23.58
CA SER B 318 -6.46 -12.95 24.56
C SER B 318 -7.46 -14.08 24.34
N ALA B 319 -8.43 -14.20 25.25
CA ALA B 319 -9.45 -15.24 25.15
C ALA B 319 -10.29 -15.09 23.88
N SER B 320 -10.53 -13.85 23.48
CA SER B 320 -11.35 -13.57 22.31
C SER B 320 -10.52 -13.39 21.05
N LEU B 321 -9.37 -14.07 21.02
CA LEU B 321 -8.48 -14.09 19.85
C LEU B 321 -7.98 -12.69 19.48
N VAL B 322 -7.53 -11.95 20.49
CA VAL B 322 -6.94 -10.63 20.25
C VAL B 322 -5.44 -10.71 20.48
N CYS B 323 -4.66 -10.28 19.50
CA CYS B 323 -3.21 -10.39 19.56
C CYS B 323 -2.57 -9.10 20.05
N LYS B 324 -1.76 -9.20 21.10
CA LYS B 324 -1.09 -8.04 21.67
C LYS B 324 0.43 -8.27 21.72
N ILE B 325 1.19 -7.20 21.53
CA ILE B 325 2.64 -7.27 21.56
C ILE B 325 3.18 -7.30 23.00
N ALA B 326 4.02 -8.29 23.28
CA ALA B 326 4.58 -8.51 24.61
C ALA B 326 6.08 -8.29 24.66
N ASP B 327 6.57 -7.98 25.85
CA ASP B 327 8.01 -7.87 26.13
C ASP B 327 8.74 -6.93 25.20
N PHE B 328 8.14 -5.77 24.98
CA PHE B 328 8.81 -4.72 24.22
C PHE B 328 9.68 -3.88 25.16
N GLY B 329 10.90 -3.59 24.74
CA GLY B 329 11.82 -2.83 25.58
C GLY B 329 12.69 -3.69 26.46
N LEU B 330 12.20 -4.88 26.80
CA LEU B 330 12.92 -5.82 27.67
C LEU B 330 14.31 -6.22 27.17
N ALA B 331 14.42 -6.55 25.88
CA ALA B 331 15.71 -6.95 25.29
C ALA B 331 16.88 -6.02 25.60
N ARG B 332 16.63 -4.71 25.56
CA ARG B 332 17.68 -3.72 25.75
C ARG B 332 18.26 -3.66 27.17
N VAL B 333 17.46 -4.00 28.16
CA VAL B 333 17.92 -3.95 29.54
C VAL B 333 18.48 -5.30 30.01
N ILE B 334 18.60 -6.25 29.09
CA ILE B 334 19.17 -7.55 29.41
C ILE B 334 20.68 -7.56 29.22
N PRO B 348 17.99 -16.11 19.11
CA PRO B 348 16.86 -15.64 18.29
C PRO B 348 17.33 -14.96 17.01
N ILE B 349 18.48 -15.36 16.50
CA ILE B 349 19.08 -14.71 15.34
C ILE B 349 18.28 -15.02 14.06
N LYS B 350 17.52 -16.12 14.10
CA LYS B 350 16.68 -16.49 12.97
C LYS B 350 15.59 -15.44 12.73
N TRP B 351 15.23 -14.72 13.80
CA TRP B 351 14.29 -13.62 13.69
C TRP B 351 15.03 -12.29 13.52
N THR B 352 16.35 -12.37 13.51
CA THR B 352 17.19 -11.16 13.50
C THR B 352 17.73 -10.87 12.11
N ALA B 353 17.80 -9.59 11.76
CA ALA B 353 18.28 -9.17 10.45
C ALA B 353 19.81 -9.21 10.39
N PRO B 354 20.37 -9.46 9.20
CA PRO B 354 21.82 -9.52 8.97
C PRO B 354 22.57 -8.29 9.48
N GLU B 355 22.02 -7.10 9.28
CA GLU B 355 22.67 -5.87 9.74
C GLU B 355 22.68 -5.78 11.26
N ALA B 356 21.85 -6.60 11.91
CA ALA B 356 21.74 -6.59 13.36
C ALA B 356 22.54 -7.74 13.98
N ILE B 357 22.72 -8.80 13.21
CA ILE B 357 23.54 -9.92 13.66
C ILE B 357 25.02 -9.56 13.58
N ASN B 358 25.45 -9.15 12.39
CA ASN B 358 26.87 -8.92 12.11
C ASN B 358 27.42 -7.62 12.71
N PHE B 359 26.53 -6.68 13.03
CA PHE B 359 26.98 -5.36 13.48
C PHE B 359 26.23 -4.84 14.70
N GLY B 360 25.23 -5.58 15.16
CA GLY B 360 24.46 -5.17 16.31
C GLY B 360 23.63 -3.92 16.08
N SER B 361 23.29 -3.66 14.82
CA SER B 361 22.49 -2.49 14.47
C SER B 361 21.01 -2.80 14.49
N PHE B 362 20.34 -2.43 15.57
CA PHE B 362 18.92 -2.69 15.74
C PHE B 362 18.09 -1.44 15.45
N THR B 363 17.25 -1.52 14.43
CA THR B 363 16.35 -0.42 14.08
C THR B 363 14.94 -0.97 13.84
N ILE B 364 14.02 -0.09 13.49
CA ILE B 364 12.64 -0.50 13.22
C ILE B 364 12.58 -1.42 11.99
N LYS B 365 13.59 -1.32 11.13
CA LYS B 365 13.65 -2.12 9.91
C LYS B 365 14.06 -3.55 10.24
N SER B 366 14.87 -3.70 11.30
CA SER B 366 15.22 -5.02 11.79
C SER B 366 13.98 -5.66 12.38
N ASP B 367 13.13 -4.83 12.98
CA ASP B 367 11.83 -5.27 13.47
C ASP B 367 10.91 -5.63 12.31
N VAL B 368 11.13 -5.00 11.15
CA VAL B 368 10.38 -5.36 9.95
C VAL B 368 10.81 -6.74 9.45
N TRP B 369 12.11 -7.00 9.43
CA TRP B 369 12.65 -8.31 9.09
C TRP B 369 12.07 -9.37 10.02
N SER B 370 12.16 -9.08 11.32
CA SER B 370 11.60 -9.94 12.35
C SER B 370 10.11 -10.18 12.12
N PHE B 371 9.42 -9.15 11.65
CA PHE B 371 8.00 -9.27 11.34
C PHE B 371 7.77 -10.18 10.14
N GLY B 372 8.73 -10.20 9.21
CA GLY B 372 8.66 -11.12 8.09
C GLY B 372 8.77 -12.56 8.56
N ILE B 373 9.77 -12.80 9.42
CA ILE B 373 9.97 -14.14 9.98
C ILE B 373 8.73 -14.55 10.79
N LEU B 374 8.17 -13.61 11.53
CA LEU B 374 6.94 -13.82 12.29
C LEU B 374 5.79 -14.20 11.37
N LEU B 375 5.68 -13.49 10.24
CA LEU B 375 4.69 -13.78 9.21
C LEU B 375 4.81 -15.24 8.80
N MET B 376 6.05 -15.67 8.56
CA MET B 376 6.32 -17.06 8.20
C MET B 376 5.87 -18.02 9.31
N GLU B 377 6.14 -17.66 10.55
CA GLU B 377 5.68 -18.46 11.69
C GLU B 377 4.17 -18.63 11.69
N ILE B 378 3.46 -17.53 11.47
CA ILE B 378 2.01 -17.51 11.55
C ILE B 378 1.41 -18.35 10.43
N VAL B 379 1.98 -18.24 9.23
CA VAL B 379 1.47 -19.01 8.11
C VAL B 379 1.76 -20.51 8.26
N THR B 380 2.87 -20.84 8.91
CA THR B 380 3.25 -22.24 9.10
C THR B 380 2.78 -22.78 10.46
N TYR B 381 1.88 -22.05 11.09
CA TYR B 381 1.26 -22.47 12.34
C TYR B 381 2.28 -22.73 13.45
N GLY B 382 3.34 -21.95 13.48
CA GLY B 382 4.29 -22.00 14.58
C GLY B 382 5.55 -22.81 14.29
N ARG B 383 5.69 -23.31 13.08
CA ARG B 383 6.87 -24.08 12.70
C ARG B 383 8.14 -23.24 12.87
N ILE B 384 9.22 -23.89 13.29
CA ILE B 384 10.49 -23.21 13.51
C ILE B 384 11.04 -22.62 12.21
N PRO B 385 11.57 -21.38 12.28
CA PRO B 385 12.14 -20.71 11.11
C PRO B 385 13.35 -21.47 10.57
N TYR B 386 13.49 -21.53 9.25
CA TYR B 386 14.58 -22.28 8.61
C TYR B 386 14.74 -23.69 9.18
N PRO B 387 13.71 -24.54 9.01
CA PRO B 387 13.75 -25.88 9.61
C PRO B 387 14.95 -26.71 9.16
N GLY B 388 15.61 -27.38 10.10
CA GLY B 388 16.75 -28.21 9.78
C GLY B 388 18.08 -27.47 9.69
N MET B 389 18.01 -26.14 9.64
CA MET B 389 19.21 -25.33 9.53
C MET B 389 19.65 -24.74 10.88
N SER B 390 20.95 -24.76 11.14
CA SER B 390 21.48 -24.19 12.37
C SER B 390 21.73 -22.68 12.23
N ASN B 391 22.02 -22.04 13.36
CA ASN B 391 22.23 -20.59 13.41
C ASN B 391 23.30 -20.02 12.46
N PRO B 392 24.55 -20.52 12.51
CA PRO B 392 25.50 -19.96 11.54
C PRO B 392 25.35 -20.57 10.16
N GLU B 393 24.63 -21.68 10.07
CA GLU B 393 24.25 -22.25 8.79
C GLU B 393 23.24 -21.32 8.15
N VAL B 394 22.31 -20.82 8.97
CA VAL B 394 21.33 -19.84 8.53
C VAL B 394 22.00 -18.53 8.12
N ILE B 395 22.96 -18.08 8.91
CA ILE B 395 23.70 -16.85 8.58
C ILE B 395 24.45 -16.98 7.25
N ARG B 396 25.26 -18.03 7.15
CA ARG B 396 26.04 -18.28 5.95
C ARG B 396 25.12 -18.42 4.72
N ALA B 397 23.95 -19.01 4.94
CA ALA B 397 22.96 -19.12 3.87
C ALA B 397 22.40 -17.74 3.52
N LEU B 398 22.27 -16.88 4.51
CA LEU B 398 21.72 -15.55 4.30
C LEU B 398 22.67 -14.69 3.46
N GLU B 399 23.97 -14.86 3.69
CA GLU B 399 24.97 -14.15 2.90
C GLU B 399 24.85 -14.53 1.42
N ARG B 400 24.38 -15.74 1.19
CA ARG B 400 24.14 -16.26 -0.16
C ARG B 400 22.86 -15.70 -0.77
N GLY B 401 22.17 -14.86 -0.01
CA GLY B 401 20.92 -14.26 -0.46
C GLY B 401 19.76 -15.25 -0.42
N TYR B 402 19.88 -16.25 0.44
CA TYR B 402 18.85 -17.27 0.57
C TYR B 402 17.68 -16.83 1.45
N ARG B 403 16.46 -17.09 0.97
CA ARG B 403 15.25 -16.85 1.74
C ARG B 403 14.37 -18.09 1.71
N MET B 404 13.55 -18.25 2.75
CA MET B 404 12.63 -19.39 2.83
C MET B 404 11.67 -19.44 1.65
N PRO B 405 11.46 -20.64 1.11
CA PRO B 405 10.50 -20.85 0.02
C PRO B 405 9.06 -20.63 0.51
N ARG B 406 8.16 -20.30 -0.40
CA ARG B 406 6.77 -20.08 -0.05
C ARG B 406 6.06 -21.39 0.29
N PRO B 407 5.46 -21.46 1.49
CA PRO B 407 4.67 -22.62 1.93
C PRO B 407 3.48 -22.88 1.01
N GLU B 408 2.93 -24.08 1.08
CA GLU B 408 1.81 -24.48 0.22
C GLU B 408 0.58 -23.63 0.47
N ASN B 409 0.28 -23.39 1.74
CA ASN B 409 -0.91 -22.65 2.14
C ASN B 409 -0.76 -21.13 2.03
N CYS B 410 0.48 -20.67 1.85
CA CYS B 410 0.76 -19.24 1.83
C CYS B 410 0.41 -18.59 0.50
N PRO B 411 -0.35 -17.47 0.55
CA PRO B 411 -0.67 -16.67 -0.63
C PRO B 411 0.58 -16.09 -1.27
N GLU B 412 0.57 -15.97 -2.59
CA GLU B 412 1.72 -15.43 -3.33
C GLU B 412 2.07 -14.02 -2.89
N GLU B 413 1.04 -13.19 -2.69
CA GLU B 413 1.23 -11.79 -2.35
C GLU B 413 1.69 -11.61 -0.91
N LEU B 414 1.25 -12.50 -0.03
CA LEU B 414 1.68 -12.48 1.36
C LEU B 414 3.16 -12.84 1.43
N TYR B 415 3.54 -13.84 0.65
CA TYR B 415 4.94 -14.20 0.49
C TYR B 415 5.73 -13.03 -0.10
N ASN B 416 5.10 -12.28 -0.99
CA ASN B 416 5.71 -11.07 -1.53
C ASN B 416 5.98 -10.06 -0.43
N ILE B 417 5.04 -9.95 0.51
CA ILE B 417 5.22 -9.06 1.66
C ILE B 417 6.39 -9.55 2.51
N MET B 418 6.47 -10.86 2.73
CA MET B 418 7.58 -11.47 3.44
C MET B 418 8.92 -11.10 2.80
N MET B 419 8.99 -11.28 1.48
CA MET B 419 10.19 -10.97 0.71
C MET B 419 10.55 -9.49 0.82
N ARG B 420 9.52 -8.63 0.82
CA ARG B 420 9.73 -7.20 0.98
C ARG B 420 10.31 -6.91 2.36
N CYS B 421 9.92 -7.73 3.34
CA CYS B 421 10.40 -7.55 4.70
C CYS B 421 11.83 -8.06 4.82
N TRP B 422 12.17 -9.09 4.06
CA TRP B 422 13.52 -9.64 4.05
C TRP B 422 14.35 -9.06 2.90
N LYS B 423 14.85 -7.85 3.10
CA LYS B 423 15.69 -7.21 2.09
C LYS B 423 17.04 -6.85 2.71
N ASN B 424 18.12 -6.96 1.93
CA ASN B 424 19.45 -6.74 2.44
C ASN B 424 19.64 -5.32 2.97
N ARG B 425 19.15 -4.35 2.20
CA ARG B 425 19.21 -2.95 2.62
C ARG B 425 18.00 -2.63 3.50
N PRO B 426 18.25 -2.26 4.76
CA PRO B 426 17.19 -1.96 5.72
C PRO B 426 16.30 -0.80 5.30
N GLU B 427 16.86 0.17 4.59
CA GLU B 427 16.11 1.36 4.22
C GLU B 427 15.14 1.09 3.08
N GLU B 428 15.29 -0.07 2.44
CA GLU B 428 14.41 -0.46 1.34
C GLU B 428 13.37 -1.48 1.81
N ARG B 429 13.14 -1.52 3.11
CA ARG B 429 12.10 -2.36 3.68
C ARG B 429 10.87 -1.52 3.99
N PRO B 430 9.67 -2.08 3.79
CA PRO B 430 8.43 -1.32 4.00
C PRO B 430 8.24 -0.88 5.44
N THR B 431 7.52 0.21 5.65
CA THR B 431 7.18 0.66 6.99
C THR B 431 6.06 -0.19 7.56
N PHE B 432 5.93 -0.17 8.88
CA PHE B 432 4.86 -0.93 9.53
C PHE B 432 3.50 -0.33 9.22
N GLU B 433 3.49 0.97 8.93
CA GLU B 433 2.28 1.66 8.49
C GLU B 433 1.75 1.04 7.20
N TYR B 434 2.65 0.87 6.22
CA TYR B 434 2.27 0.32 4.92
C TYR B 434 1.88 -1.15 5.04
N ILE B 435 2.66 -1.92 5.79
CA ILE B 435 2.37 -3.33 6.01
C ILE B 435 1.00 -3.49 6.65
N GLN B 436 0.72 -2.69 7.68
CA GLN B 436 -0.57 -2.71 8.34
C GLN B 436 -1.69 -2.36 7.37
N SER B 437 -1.47 -1.33 6.55
CA SER B 437 -2.47 -0.89 5.60
C SER B 437 -2.79 -1.97 4.56
N VAL B 438 -1.76 -2.72 4.17
CA VAL B 438 -1.93 -3.79 3.18
C VAL B 438 -2.61 -5.01 3.79
N LEU B 439 -2.19 -5.40 4.99
CA LEU B 439 -2.74 -6.57 5.65
C LEU B 439 -4.19 -6.37 6.09
N ASP B 440 -4.52 -5.15 6.52
CA ASP B 440 -5.88 -4.84 6.95
C ASP B 440 -6.89 -5.01 5.83
N ASP B 441 -6.58 -4.47 4.65
CA ASP B 441 -7.47 -4.56 3.50
C ASP B 441 -6.96 -5.59 2.50
N PHE B 442 -6.40 -6.69 3.02
CA PHE B 442 -5.81 -7.73 2.20
C PHE B 442 -6.81 -8.38 1.23
N TYR B 443 -8.07 -8.46 1.66
CA TYR B 443 -9.10 -9.10 0.86
C TYR B 443 -10.09 -8.09 0.27
N THR B 444 -9.74 -6.81 0.35
CA THR B 444 -10.63 -5.77 -0.13
C THR B 444 -9.92 -4.79 -1.06
N ALA B 445 -10.43 -4.67 -2.28
CA ALA B 445 -9.93 -3.66 -3.20
C ALA B 445 -10.25 -2.28 -2.65
N THR B 446 -9.38 -1.32 -2.93
CA THR B 446 -9.53 0.04 -2.39
C THR B 446 -10.90 0.63 -2.71
N GLU B 447 -11.36 0.44 -3.94
CA GLU B 447 -12.65 0.97 -4.38
C GLU B 447 -13.81 0.30 -3.64
N SER B 448 -13.57 -0.89 -3.10
CA SER B 448 -14.62 -1.66 -2.45
C SER B 448 -14.59 -1.52 -0.92
N GLN B 449 -13.89 -0.51 -0.43
CA GLN B 449 -13.83 -0.26 1.00
C GLN B 449 -15.18 0.24 1.51
N GLU B 451 -19.31 1.34 0.24
CA GLU B 451 -20.32 1.09 -0.78
C GLU B 451 -20.78 2.40 -1.45
N GLU B 452 -21.71 2.28 -2.39
CA GLU B 452 -22.28 3.44 -3.05
C GLU B 452 -23.61 3.10 -3.72
#